data_6KXF
#
_entry.id   6KXF
#
_cell.length_a   79.872
_cell.length_b   104.411
_cell.length_c   114.706
_cell.angle_alpha   90.000
_cell.angle_beta   90.000
_cell.angle_gamma   90.000
#
_symmetry.space_group_name_H-M   'P 21 21 21'
#
loop_
_entity.id
_entity.type
_entity.pdbx_description
1 polymer Ketosynthase
2 polymer Ketosynthase
3 polymer ACP
4 non-polymer '[(3~{R})-2,2-dimethyl-4-[[3-[2-[[(~{E})-oct-2-enoyl]amino]ethylamino]-3-oxidanylidene-propyl]amino]-3-oxidanyl-4-oxidanylidene-butyl] dihydrogen phosphate'
5 water water
#
loop_
_entity_poly.entity_id
_entity_poly.type
_entity_poly.pdbx_seq_one_letter_code
_entity_poly.pdbx_strand_id
1 'polypeptide(L)'
;MSTATARRRVVLTGFGVISSIGTGVEEYTAGLRAGRSGARPITRFDTEGFGQNTACEVPDFEPGRWIHHVPLDDMGRAGQ
YAVAAARMAVDDAGLTEDDLGERQAVITVGTTDGESHDIAVLLEQELAAGDPEAMDPVLARRINAGRLSTVIARELRMPN
VEATTVTTACAAGNYSVGYGLDSIRSGEVDIALCGGADAVCRKAFALFKRFGALTPDVVRPFDKDRQGILTGEGAGILVL
ESLESALARGARIHAEVLGYGLSCDAAHPTAPNRDGIARGIRLALDDAGVEQEEIDFISAHGTGTKANDKTESAAIVDVY
GDAPPRTVAVKSMLGHSMGAASALGAIACGLAIEHGFIPPTINHRETDPDCPLDVVPNRAVEADVRIVQNNSSAFAGNNA
VLILGTYGE
;
A
2 'polypeptide(L)'
;MTTMSTATARPEATLPPGTPVITGWSAVSPYGIGRAEFAAGVRAGAKTAVKADAGLGPLPSSDVCTVPGFDIQEQLGPRG
TAKMDRLTALALVASDGLLLDADGNRAVATDELTGVVLGITMGSLENVTDFLRQSYTNARPFYVDAGRIPFGSLNHAAGA
TAIRHDLKGPNTTVAGGRVSGLLALNYARRLMGQGRATKYLVGSAEEFSAAHAWFEHTATASGDPAPLLGEGCGLFLVEQ
AEAAERPPLAAVLSVETRVDIDDDPGAAVTACARRALRRAGVDAGEVWAAVPCAAPTAAGRAEHEALAALVPADALSRVP
SMELLGDTGAASASFQIAAVLAAAEADADSRGRIALVCAVDRDGAVAVAVLRLIGEQR
;
B
3 'polypeptide(L)'
;MTTVAPERLSRIREIIAENIDVDLDGLSDTALFIDELGADSLKLIDVLSALEMEYSIVIDMNELPKMTNVEATYQVTAAA
AGW
;
C
#
loop_
_chem_comp.id
_chem_comp.type
_chem_comp.name
_chem_comp.formula
DYF non-polymer '[(3~{R})-2,2-dimethyl-4-[[3-[2-[[(~{E})-oct-2-enoyl]amino]ethylamino]-3-oxidanylidene-propyl]amino]-3-oxidanyl-4-oxidanylidene-butyl] dihydrogen phosphate' 'C19 H36 N3 O8 P'
#
# COMPACT_ATOMS: atom_id res chain seq x y z
N ALA A 6 15.17 0.35 -29.30
CA ALA A 6 15.86 0.58 -27.99
C ALA A 6 14.90 1.28 -27.02
N ARG A 7 14.97 0.89 -25.75
CA ARG A 7 13.98 1.34 -24.79
C ARG A 7 14.23 2.81 -24.42
N ARG A 8 13.17 3.44 -23.95
CA ARG A 8 13.21 4.86 -23.63
C ARG A 8 14.11 5.05 -22.40
N ARG A 9 14.92 6.10 -22.44
CA ARG A 9 15.72 6.48 -21.27
C ARG A 9 14.93 7.46 -20.37
N VAL A 10 15.07 7.27 -19.06
CA VAL A 10 14.31 8.02 -18.06
C VAL A 10 15.33 8.56 -17.03
N VAL A 11 15.27 9.88 -16.79
CA VAL A 11 16.22 10.56 -15.93
C VAL A 11 15.47 11.27 -14.77
N LEU A 12 16.23 11.62 -13.72
CA LEU A 12 15.76 12.33 -12.53
C LEU A 12 16.15 13.80 -12.65
N THR A 13 15.17 14.70 -12.81
CA THR A 13 15.47 16.10 -13.04
C THR A 13 15.15 16.96 -11.81
N GLY A 14 14.52 16.36 -10.79
CA GLY A 14 14.07 17.12 -9.60
C GLY A 14 13.94 16.26 -8.35
N PHE A 15 14.43 16.77 -7.22
CA PHE A 15 14.26 16.16 -5.92
C PHE A 15 13.57 17.16 -4.98
N GLY A 16 12.47 16.71 -4.35
CA GLY A 16 11.78 17.37 -3.26
C GLY A 16 11.96 16.56 -2.00
N VAL A 17 12.52 17.19 -0.95
CA VAL A 17 12.89 16.49 0.26
C VAL A 17 12.35 17.25 1.46
N ILE A 18 11.53 16.55 2.26
CA ILE A 18 11.17 16.97 3.64
C ILE A 18 11.60 15.82 4.56
N SER A 19 12.69 16.03 5.33
CA SER A 19 13.25 14.97 6.15
C SER A 19 13.66 15.50 7.53
N SER A 20 13.99 14.54 8.42
CA SER A 20 14.46 14.80 9.78
C SER A 20 15.89 15.36 9.82
N ILE A 21 16.62 15.33 8.69
CA ILE A 21 17.99 15.82 8.64
C ILE A 21 18.12 16.95 7.62
N GLY A 22 17.01 17.53 7.17
CA GLY A 22 17.04 18.65 6.22
C GLY A 22 15.81 18.74 5.32
N THR A 23 15.41 19.98 5.01
CA THR A 23 14.37 20.32 4.05
C THR A 23 15.02 20.91 2.80
N GLY A 24 14.72 20.33 1.63
CA GLY A 24 15.30 20.67 0.36
C GLY A 24 16.62 19.96 0.16
N VAL A 25 17.04 19.97 -1.11
CA VAL A 25 18.19 19.18 -1.63
C VAL A 25 19.53 19.60 -1.02
N GLU A 26 19.74 20.91 -0.90
CA GLU A 26 21.01 21.39 -0.35
C GLU A 26 21.23 20.88 1.09
N GLU A 27 20.22 21.09 1.96
CA GLU A 27 20.29 20.74 3.39
C GLU A 27 20.38 19.21 3.53
N TYR A 28 19.62 18.48 2.72
CA TYR A 28 19.61 16.99 2.74
C TYR A 28 20.97 16.44 2.33
N THR A 29 21.57 17.02 1.29
CA THR A 29 22.86 16.61 0.82
C THR A 29 23.92 16.85 1.91
N ALA A 30 23.87 18.02 2.55
CA ALA A 30 24.79 18.39 3.63
C ALA A 30 24.63 17.41 4.81
N GLY A 31 23.38 17.04 5.09
CA GLY A 31 23.04 16.06 6.11
C GLY A 31 23.70 14.70 5.89
N LEU A 32 23.47 14.16 4.69
CA LEU A 32 23.97 12.90 4.29
C LEU A 32 25.50 12.90 4.36
N ARG A 33 26.13 13.99 3.90
CA ARG A 33 27.61 14.04 3.81
C ARG A 33 28.19 14.14 5.24
N ALA A 34 27.43 14.72 6.17
CA ALA A 34 27.86 14.95 7.59
C ALA A 34 27.61 13.75 8.53
N GLY A 35 26.76 12.79 8.12
CA GLY A 35 26.17 11.78 9.04
C GLY A 35 25.34 12.43 10.12
N ARG A 36 24.60 13.48 9.73
CA ARG A 36 23.60 14.13 10.58
C ARG A 36 22.53 13.10 11.00
N SER A 37 22.14 13.14 12.28
CA SER A 37 21.03 12.27 12.82
C SER A 37 19.71 13.08 12.89
N GLY A 38 18.58 12.43 12.59
CA GLY A 38 17.31 13.09 12.69
C GLY A 38 16.60 12.83 14.03
N ALA A 39 17.28 12.21 15.00
CA ALA A 39 16.64 11.83 16.30
C ALA A 39 16.42 13.09 17.16
N ARG A 40 15.21 13.21 17.70
CA ARG A 40 14.85 14.33 18.57
C ARG A 40 13.61 13.94 19.38
N PRO A 41 13.24 14.65 20.47
CA PRO A 41 12.02 14.31 21.22
C PRO A 41 10.74 14.36 20.35
N ILE A 42 9.80 13.46 20.66
CA ILE A 42 8.48 13.41 20.03
C ILE A 42 7.68 14.61 20.50
N THR A 43 7.02 15.32 19.56
CA THR A 43 6.17 16.46 19.89
C THR A 43 4.75 16.20 19.36
N ARG A 44 4.54 15.13 18.61
CA ARG A 44 3.33 15.02 17.77
C ARG A 44 2.19 14.35 18.56
N PHE A 45 2.53 13.48 19.51
CA PHE A 45 1.54 12.83 20.41
C PHE A 45 2.16 12.61 21.79
N ASP A 46 1.36 12.08 22.71
CA ASP A 46 1.72 11.94 24.12
C ASP A 46 2.33 10.55 24.30
N THR A 47 3.59 10.52 24.76
CA THR A 47 4.34 9.29 24.91
C THR A 47 4.24 8.73 26.34
N GLU A 48 3.52 9.38 27.24
CA GLU A 48 3.44 8.91 28.64
C GLU A 48 3.04 7.44 28.64
N GLY A 49 3.87 6.60 29.27
CA GLY A 49 3.57 5.19 29.46
C GLY A 49 4.30 4.28 28.49
N PHE A 50 4.93 4.87 27.45
CA PHE A 50 5.70 4.07 26.48
C PHE A 50 7.11 3.75 26.98
N GLY A 51 7.60 4.56 27.93
CA GLY A 51 8.91 4.35 28.54
C GLY A 51 10.04 4.96 27.73
N GLN A 52 9.70 5.75 26.69
CA GLN A 52 10.67 6.44 25.78
C GLN A 52 9.92 7.49 24.96
N ASN A 53 10.69 8.43 24.43
CA ASN A 53 10.19 9.69 23.97
C ASN A 53 10.92 10.22 22.71
N THR A 54 11.64 9.37 21.96
CA THR A 54 12.48 9.81 20.85
C THR A 54 11.97 9.23 19.52
N ALA A 55 12.00 10.07 18.48
CA ALA A 55 11.68 9.67 17.11
C ALA A 55 12.48 10.57 16.15
N CYS A 56 12.30 10.37 14.85
CA CYS A 56 12.98 11.21 13.85
C CYS A 56 11.96 12.10 13.13
N GLU A 57 11.41 13.07 13.87
CA GLU A 57 10.41 14.01 13.31
C GLU A 57 11.10 15.06 12.43
N VAL A 58 10.31 15.58 11.48
CA VAL A 58 10.65 16.82 10.85
C VAL A 58 10.42 17.94 11.86
N PRO A 59 11.45 18.73 12.21
CA PRO A 59 11.36 19.71 13.30
C PRO A 59 10.54 20.96 13.01
N ASP A 60 10.63 21.54 11.81
CA ASP A 60 10.05 22.85 11.63
C ASP A 60 9.41 23.01 10.25
N PHE A 61 8.32 22.28 10.05
CA PHE A 61 7.52 22.28 8.85
C PHE A 61 6.57 23.49 8.85
N GLU A 62 6.57 24.28 7.79
CA GLU A 62 5.56 25.36 7.62
C GLU A 62 4.82 25.14 6.30
N PRO A 63 3.59 24.59 6.35
CA PRO A 63 2.95 24.15 5.11
C PRO A 63 2.66 25.33 4.18
N GLY A 64 2.28 26.47 4.79
CA GLY A 64 1.82 27.68 4.12
C GLY A 64 2.90 28.26 3.24
N ARG A 65 4.14 27.88 3.52
CA ARG A 65 5.27 28.23 2.69
C ARG A 65 5.28 27.49 1.34
N TRP A 66 4.77 26.24 1.27
CA TRP A 66 4.93 25.37 0.07
C TRP A 66 3.60 25.14 -0.67
N ILE A 67 2.47 25.38 0.02
CA ILE A 67 1.14 24.99 -0.45
C ILE A 67 0.29 26.26 -0.57
N HIS A 68 -0.24 26.52 -1.78
CA HIS A 68 -0.87 27.81 -2.11
C HIS A 68 -2.30 27.66 -2.65
N HIS A 69 -2.70 26.46 -3.12
CA HIS A 69 -3.98 26.33 -3.78
C HIS A 69 -4.93 25.47 -2.91
N VAL A 70 -4.44 24.34 -2.38
CA VAL A 70 -5.27 23.43 -1.63
C VAL A 70 -5.42 23.94 -0.20
N PRO A 71 -6.66 24.11 0.32
CA PRO A 71 -6.84 24.49 1.72
C PRO A 71 -6.11 23.52 2.66
N LEU A 72 -5.37 24.06 3.67
CA LEU A 72 -4.51 23.23 4.55
C LEU A 72 -5.35 22.15 5.25
N ASP A 73 -6.61 22.45 5.53
CA ASP A 73 -7.46 21.51 6.32
C ASP A 73 -7.97 20.37 5.43
N ASP A 74 -7.76 20.45 4.10
CA ASP A 74 -8.11 19.34 3.18
C ASP A 74 -7.16 18.14 3.27
N MET A 75 -6.07 18.29 4.04
CA MET A 75 -4.97 17.34 4.11
C MET A 75 -4.59 17.13 5.56
N GLY A 76 -4.24 15.90 5.93
CA GLY A 76 -3.54 15.69 7.18
C GLY A 76 -2.08 15.98 6.97
N ARG A 77 -1.27 15.65 7.96
CA ARG A 77 0.15 16.00 7.90
C ARG A 77 0.85 15.22 6.77
N ALA A 78 0.48 13.96 6.53
CA ALA A 78 1.26 13.19 5.53
C ALA A 78 1.03 13.80 4.14
N GLY A 79 -0.23 14.19 3.87
CA GLY A 79 -0.63 14.86 2.62
C GLY A 79 0.07 16.17 2.42
N GLN A 80 0.21 16.95 3.50
CA GLN A 80 0.89 18.24 3.44
C GLN A 80 2.37 18.00 3.10
N TYR A 81 2.99 16.97 3.70
CA TYR A 81 4.37 16.61 3.36
C TYR A 81 4.48 16.20 1.88
N ALA A 82 3.53 15.41 1.40
CA ALA A 82 3.54 14.99 0.01
C ALA A 82 3.44 16.19 -0.92
N VAL A 83 2.49 17.10 -0.66
CA VAL A 83 2.28 18.27 -1.58
C VAL A 83 3.49 19.23 -1.55
N ALA A 84 4.01 19.51 -0.35
CA ALA A 84 5.16 20.39 -0.18
C ALA A 84 6.36 19.81 -0.92
N ALA A 85 6.59 18.51 -0.78
CA ALA A 85 7.77 17.91 -1.39
C ALA A 85 7.62 17.91 -2.92
N ALA A 86 6.39 17.73 -3.40
CA ALA A 86 6.12 17.74 -4.84
C ALA A 86 6.38 19.15 -5.41
N ARG A 87 5.89 20.20 -4.72
CA ARG A 87 6.20 21.57 -5.14
C ARG A 87 7.73 21.76 -5.17
N MET A 88 8.43 21.34 -4.12
CA MET A 88 9.87 21.49 -4.07
C MET A 88 10.54 20.73 -5.24
N ALA A 89 10.02 19.55 -5.59
CA ALA A 89 10.61 18.73 -6.65
C ALA A 89 10.45 19.41 -8.02
N VAL A 90 9.24 19.90 -8.32
CA VAL A 90 9.03 20.57 -9.60
C VAL A 90 9.87 21.85 -9.68
N ASP A 91 9.98 22.64 -8.61
CA ASP A 91 10.91 23.78 -8.59
C ASP A 91 12.37 23.31 -8.77
N ASP A 92 12.80 22.20 -8.12
CA ASP A 92 14.20 21.75 -8.28
C ASP A 92 14.46 21.33 -9.73
N ALA A 93 13.39 20.85 -10.39
CA ALA A 93 13.45 20.40 -11.80
C ALA A 93 13.37 21.58 -12.80
N GLY A 94 12.98 22.76 -12.32
CA GLY A 94 12.87 24.00 -13.12
C GLY A 94 11.69 23.92 -14.08
N LEU A 95 10.66 23.17 -13.70
CA LEU A 95 9.51 22.99 -14.56
C LEU A 95 8.64 24.22 -14.40
N THR A 96 8.02 24.68 -15.51
CA THR A 96 7.08 25.81 -15.53
C THR A 96 5.64 25.32 -15.77
N GLU A 97 4.67 26.23 -15.69
CA GLU A 97 3.26 25.93 -16.06
C GLU A 97 3.16 25.29 -17.45
N ASP A 98 3.94 25.80 -18.41
CA ASP A 98 3.97 25.31 -19.79
C ASP A 98 4.44 23.84 -19.86
N ASP A 99 5.31 23.44 -18.92
CA ASP A 99 5.79 22.08 -18.86
C ASP A 99 4.80 21.16 -18.19
N LEU A 100 3.82 21.73 -17.48
CA LEU A 100 2.87 20.93 -16.72
C LEU A 100 1.43 21.21 -17.22
N GLY A 101 0.56 21.75 -16.36
CA GLY A 101 -0.80 22.07 -16.79
C GLY A 101 -1.53 20.81 -17.22
N GLU A 102 -1.93 20.77 -18.51
CA GLU A 102 -2.73 19.65 -19.07
C GLU A 102 -1.85 18.51 -19.58
N ARG A 103 -0.55 18.60 -19.37
CA ARG A 103 0.33 17.55 -19.79
C ARG A 103 -0.06 16.23 -19.11
N GLN A 104 -0.06 15.14 -19.90
CA GLN A 104 -0.42 13.84 -19.37
C GLN A 104 0.73 13.41 -18.46
N ALA A 105 0.40 12.98 -17.25
CA ALA A 105 1.45 12.64 -16.28
C ALA A 105 0.93 11.54 -15.35
N VAL A 106 1.86 10.92 -14.62
CA VAL A 106 1.56 10.02 -13.56
C VAL A 106 2.05 10.66 -12.27
N ILE A 107 1.27 10.56 -11.20
CA ILE A 107 1.67 10.99 -9.84
C ILE A 107 1.44 9.78 -8.93
N THR A 108 2.50 9.19 -8.40
CA THR A 108 2.34 8.04 -7.54
C THR A 108 3.15 8.24 -6.26
N VAL A 109 2.44 8.17 -5.14
CA VAL A 109 2.95 8.37 -3.82
C VAL A 109 2.76 7.10 -2.99
N GLY A 110 3.84 6.67 -2.33
CA GLY A 110 3.82 5.50 -1.48
C GLY A 110 3.51 5.89 -0.05
N THR A 111 2.76 5.06 0.65
CA THR A 111 2.53 5.32 2.09
C THR A 111 2.34 4.01 2.82
N THR A 112 2.70 4.00 4.11
CA THR A 112 2.45 2.95 5.05
C THR A 112 1.19 3.22 5.87
N ASP A 113 1.14 4.39 6.52
CA ASP A 113 0.17 4.73 7.56
C ASP A 113 -0.79 5.83 7.09
N GLY A 114 -0.48 6.54 5.99
CA GLY A 114 -1.30 7.71 5.57
C GLY A 114 -1.63 8.62 6.75
N GLU A 115 -2.90 9.03 6.87
CA GLU A 115 -3.27 10.00 7.90
C GLU A 115 -3.71 9.26 9.18
N SER A 116 -2.87 8.36 9.69
CA SER A 116 -3.17 7.60 10.93
C SER A 116 -3.26 8.51 12.16
N HIS A 117 -2.49 9.60 12.19
CA HIS A 117 -2.62 10.58 13.26
C HIS A 117 -4.04 11.14 13.31
N ASP A 118 -4.59 11.54 12.15
CA ASP A 118 -5.99 11.97 12.05
C ASP A 118 -6.96 10.89 12.57
N ILE A 119 -6.70 9.62 12.28
CA ILE A 119 -7.54 8.54 12.73
C ILE A 119 -7.50 8.48 14.28
N ALA A 120 -6.32 8.64 14.85
CA ALA A 120 -6.18 8.66 16.31
C ALA A 120 -6.90 9.88 16.93
N VAL A 121 -6.81 11.07 16.34
CA VAL A 121 -7.49 12.27 16.88
C VAL A 121 -9.02 12.12 16.81
N LEU A 122 -9.57 11.55 15.73
CA LEU A 122 -10.98 11.21 15.67
C LEU A 122 -11.34 10.31 16.87
N LEU A 123 -10.57 9.25 17.08
CA LEU A 123 -10.86 8.31 18.19
C LEU A 123 -10.79 9.05 19.55
N GLU A 124 -9.83 9.96 19.74
CA GLU A 124 -9.79 10.78 20.98
C GLU A 124 -11.10 11.56 21.19
N GLN A 125 -11.67 12.13 20.12
CA GLN A 125 -12.87 12.97 20.20
C GLN A 125 -14.06 12.11 20.65
N GLU A 126 -14.17 10.93 20.04
CA GLU A 126 -15.14 9.93 20.39
C GLU A 126 -15.00 9.59 21.88
N LEU A 127 -13.80 9.19 22.33
CA LEU A 127 -13.60 8.69 23.71
C LEU A 127 -13.89 9.81 24.72
N ALA A 128 -13.41 11.03 24.46
CA ALA A 128 -13.58 12.16 25.34
C ALA A 128 -15.07 12.46 25.57
N ALA A 129 -15.92 12.32 24.54
CA ALA A 129 -17.38 12.59 24.63
C ALA A 129 -18.20 11.35 25.05
N GLY A 130 -17.63 10.15 24.89
CA GLY A 130 -18.33 8.87 25.00
C GLY A 130 -19.29 8.67 23.84
N ASP A 131 -19.07 9.39 22.74
CA ASP A 131 -20.05 9.52 21.69
C ASP A 131 -19.37 9.68 20.32
N PRO A 132 -19.61 8.77 19.35
CA PRO A 132 -19.06 8.93 18.00
C PRO A 132 -19.50 10.22 17.29
N GLU A 133 -20.58 10.87 17.76
CA GLU A 133 -21.11 12.10 17.14
C GLU A 133 -20.17 13.29 17.35
N ALA A 134 -19.29 13.24 18.35
CA ALA A 134 -18.32 14.33 18.63
C ALA A 134 -17.14 14.34 17.63
N MET A 135 -17.05 13.36 16.72
CA MET A 135 -15.94 13.31 15.76
C MET A 135 -16.09 14.45 14.73
N ASP A 136 -14.95 15.02 14.37
CA ASP A 136 -14.87 16.13 13.44
C ASP A 136 -15.01 15.66 11.98
N PRO A 137 -16.00 16.18 11.23
CA PRO A 137 -16.12 15.88 9.80
C PRO A 137 -14.90 16.21 8.93
N VAL A 138 -14.17 17.29 9.26
CA VAL A 138 -13.00 17.75 8.50
C VAL A 138 -11.93 16.64 8.52
N LEU A 139 -11.73 15.99 9.69
CA LEU A 139 -10.78 14.86 9.85
C LEU A 139 -11.31 13.64 9.10
N ALA A 140 -12.58 13.29 9.32
CA ALA A 140 -13.11 12.06 8.76
C ALA A 140 -13.05 12.09 7.23
N ARG A 141 -13.21 13.27 6.62
CA ARG A 141 -13.20 13.36 5.16
C ARG A 141 -11.80 13.12 4.55
N ARG A 142 -10.72 13.24 5.33
CA ARG A 142 -9.37 13.30 4.69
C ARG A 142 -8.49 12.09 5.05
N ILE A 143 -9.07 11.02 5.59
CA ILE A 143 -8.26 9.88 6.13
C ILE A 143 -7.86 8.83 5.07
N ASN A 144 -8.40 8.91 3.84
CA ASN A 144 -8.24 7.80 2.86
C ASN A 144 -6.99 8.05 2.00
N ALA A 145 -6.14 7.01 1.90
CA ALA A 145 -4.79 7.15 1.38
C ALA A 145 -4.78 7.63 -0.06
N GLY A 146 -5.86 7.41 -0.84
CA GLY A 146 -5.86 7.85 -2.28
C GLY A 146 -5.67 9.37 -2.42
N ARG A 147 -6.07 10.09 -1.38
CA ARG A 147 -5.99 11.57 -1.28
C ARG A 147 -4.52 12.07 -1.35
N LEU A 148 -3.56 11.24 -0.89
CA LEU A 148 -2.16 11.66 -0.84
C LEU A 148 -1.64 11.95 -2.24
N SER A 149 -2.14 11.27 -3.27
CA SER A 149 -1.68 11.53 -4.63
C SER A 149 -2.60 12.53 -5.37
N THR A 150 -3.92 12.48 -5.16
CA THR A 150 -4.84 13.40 -5.87
C THR A 150 -4.59 14.86 -5.42
N VAL A 151 -4.22 15.09 -4.17
CA VAL A 151 -4.03 16.50 -3.72
C VAL A 151 -2.83 17.14 -4.44
N ILE A 152 -1.81 16.35 -4.82
CA ILE A 152 -0.71 16.87 -5.56
C ILE A 152 -1.22 17.41 -6.90
N ALA A 153 -2.06 16.63 -7.58
CA ALA A 153 -2.63 17.06 -8.86
C ALA A 153 -3.40 18.37 -8.65
N ARG A 154 -4.13 18.47 -7.54
CA ARG A 154 -4.94 19.70 -7.26
C ARG A 154 -4.02 20.90 -7.01
N GLU A 155 -2.97 20.71 -6.21
CA GLU A 155 -2.05 21.79 -5.93
C GLU A 155 -1.37 22.28 -7.22
N LEU A 156 -0.87 21.35 -8.05
CA LEU A 156 -0.09 21.75 -9.24
C LEU A 156 -1.01 22.07 -10.40
N ARG A 157 -2.33 21.93 -10.21
CA ARG A 157 -3.32 22.27 -11.25
C ARG A 157 -3.12 21.39 -12.49
N MET A 158 -2.97 20.08 -12.29
CA MET A 158 -2.71 19.12 -13.39
C MET A 158 -3.86 18.11 -13.43
N PRO A 159 -4.89 18.25 -14.32
CA PRO A 159 -6.05 17.38 -14.27
C PRO A 159 -5.86 16.06 -15.04
N ASN A 160 -4.93 16.05 -16.01
CA ASN A 160 -4.66 14.90 -16.86
C ASN A 160 -3.60 13.97 -16.22
N VAL A 161 -3.94 13.42 -15.06
CA VAL A 161 -3.02 12.70 -14.22
C VAL A 161 -3.69 11.40 -13.76
N GLU A 162 -2.91 10.34 -13.79
CA GLU A 162 -3.20 9.11 -13.08
C GLU A 162 -2.55 9.25 -11.70
N ALA A 163 -3.38 9.42 -10.67
CA ALA A 163 -2.94 9.68 -9.32
C ALA A 163 -3.18 8.43 -8.49
N THR A 164 -2.09 7.68 -8.30
CA THR A 164 -2.12 6.39 -7.58
C THR A 164 -1.30 6.47 -6.29
N THR A 165 -1.94 6.15 -5.17
CA THR A 165 -1.28 5.94 -3.93
C THR A 165 -0.99 4.45 -3.77
N VAL A 166 0.31 4.10 -3.72
CA VAL A 166 0.75 2.73 -3.57
C VAL A 166 0.97 2.46 -2.09
N THR A 167 0.23 1.46 -1.58
CA THR A 167 0.15 1.15 -0.18
C THR A 167 0.83 -0.21 0.07
N THR A 168 2.12 -0.27 -0.33
CA THR A 168 2.99 -1.44 -0.06
C THR A 168 3.98 -1.08 1.07
N ALA A 169 3.52 -0.21 1.98
CA ALA A 169 4.09 0.03 3.28
C ALA A 169 5.58 0.41 3.13
N CYS A 170 6.49 -0.35 3.73
CA CYS A 170 7.84 0.09 3.90
C CYS A 170 8.65 -0.05 2.61
N ALA A 171 8.08 -0.63 1.54
CA ALA A 171 8.66 -0.65 0.22
C ALA A 171 8.02 0.36 -0.72
N ALA A 172 7.04 1.15 -0.28
CA ALA A 172 6.19 1.87 -1.23
C ALA A 172 6.94 2.91 -2.10
N GLY A 173 7.91 3.67 -1.55
CA GLY A 173 8.67 4.59 -2.36
C GLY A 173 9.33 3.96 -3.60
N ASN A 174 9.97 2.80 -3.46
CA ASN A 174 10.61 2.19 -4.62
C ASN A 174 9.54 1.67 -5.60
N TYR A 175 8.42 1.16 -5.08
CA TYR A 175 7.35 0.68 -6.00
C TYR A 175 6.86 1.85 -6.86
N SER A 176 6.72 3.06 -6.25
CA SER A 176 6.17 4.24 -6.94
C SER A 176 7.14 4.75 -8.00
N VAL A 177 8.43 4.84 -7.63
CA VAL A 177 9.45 5.24 -8.59
C VAL A 177 9.46 4.25 -9.78
N GLY A 178 9.33 2.94 -9.50
CA GLY A 178 9.32 1.85 -10.51
C GLY A 178 8.12 2.01 -11.42
N TYR A 179 6.96 2.30 -10.83
CA TYR A 179 5.75 2.57 -11.63
C TYR A 179 5.98 3.76 -12.57
N GLY A 180 6.56 4.84 -12.05
CA GLY A 180 6.89 5.97 -12.85
C GLY A 180 7.78 5.59 -14.06
N LEU A 181 8.80 4.76 -13.82
CA LEU A 181 9.73 4.29 -14.86
C LEU A 181 8.97 3.52 -15.93
N ASP A 182 8.15 2.57 -15.50
CA ASP A 182 7.34 1.74 -16.42
C ASP A 182 6.38 2.63 -17.23
N SER A 183 5.78 3.63 -16.57
CA SER A 183 4.80 4.52 -17.19
C SER A 183 5.46 5.30 -18.32
N ILE A 184 6.68 5.79 -18.09
CA ILE A 184 7.37 6.58 -19.10
C ILE A 184 7.97 5.67 -20.18
N ARG A 185 8.50 4.50 -19.80
CA ARG A 185 9.07 3.59 -20.82
C ARG A 185 7.95 3.01 -21.72
N SER A 186 6.70 3.04 -21.28
CA SER A 186 5.55 2.59 -22.09
C SER A 186 5.28 3.58 -23.24
N GLY A 187 5.80 4.81 -23.15
CA GLY A 187 5.47 5.85 -24.10
C GLY A 187 4.18 6.61 -23.77
N GLU A 188 3.40 6.18 -22.79
CA GLU A 188 2.12 6.80 -22.54
C GLU A 188 2.24 8.17 -21.85
N VAL A 189 3.34 8.44 -21.12
CA VAL A 189 3.59 9.77 -20.49
C VAL A 189 5.09 10.04 -20.58
N ASP A 190 5.47 11.32 -20.48
CA ASP A 190 6.88 11.71 -20.54
C ASP A 190 7.37 12.26 -19.18
N ILE A 191 6.48 12.32 -18.18
CA ILE A 191 6.84 12.90 -16.87
C ILE A 191 6.02 12.20 -15.78
N ALA A 192 6.68 11.90 -14.64
CA ALA A 192 6.03 11.27 -13.50
C ALA A 192 6.62 11.85 -12.20
N LEU A 193 5.76 12.16 -11.23
CA LEU A 193 6.13 12.58 -9.91
C LEU A 193 5.88 11.40 -8.97
N CYS A 194 6.95 10.87 -8.38
CA CYS A 194 6.94 9.62 -7.69
C CYS A 194 7.71 9.75 -6.37
N GLY A 195 7.23 9.06 -5.35
CA GLY A 195 7.96 8.96 -4.09
C GLY A 195 7.09 8.38 -3.01
N GLY A 196 7.19 8.95 -1.81
CA GLY A 196 6.50 8.50 -0.63
C GLY A 196 6.42 9.57 0.43
N ALA A 197 5.52 9.37 1.37
CA ALA A 197 5.19 10.31 2.44
C ALA A 197 4.55 9.56 3.60
N ASP A 198 4.93 9.94 4.80
CA ASP A 198 4.36 9.39 6.01
C ASP A 198 4.58 10.43 7.12
N ALA A 199 3.78 10.34 8.19
CA ALA A 199 3.77 11.23 9.33
C ALA A 199 3.82 10.41 10.63
N VAL A 200 4.68 10.86 11.55
CA VAL A 200 4.82 10.25 12.88
C VAL A 200 3.42 10.14 13.51
N CYS A 201 3.15 9.00 14.12
CA CYS A 201 1.84 8.74 14.71
C CYS A 201 2.02 7.72 15.84
N ARG A 202 1.03 7.73 16.72
CA ARG A 202 0.97 6.85 17.85
C ARG A 202 0.98 5.41 17.39
N LYS A 203 0.26 5.13 16.29
CA LYS A 203 0.09 3.75 15.85
C LYS A 203 1.44 3.10 15.56
N ALA A 204 2.26 3.75 14.72
CA ALA A 204 3.55 3.18 14.35
C ALA A 204 4.45 2.96 15.59
N PHE A 205 4.46 3.94 16.50
CA PHE A 205 5.29 3.89 17.67
C PHE A 205 4.89 2.67 18.55
N ALA A 206 3.59 2.52 18.82
CA ALA A 206 3.08 1.40 19.64
C ALA A 206 3.34 0.05 18.94
N LEU A 207 3.14 0.04 17.63
CA LEU A 207 3.35 -1.16 16.84
C LEU A 207 4.76 -1.68 17.06
N PHE A 208 5.74 -0.81 16.83
CA PHE A 208 7.14 -1.24 16.92
C PHE A 208 7.48 -1.57 18.36
N LYS A 209 6.95 -0.79 19.30
CA LYS A 209 7.13 -1.11 20.74
C LYS A 209 6.64 -2.55 21.02
N ARG A 210 5.41 -2.85 20.60
CA ARG A 210 4.78 -4.15 20.89
C ARG A 210 5.61 -5.29 20.27
N PHE A 211 6.26 -5.06 19.12
CA PHE A 211 7.05 -6.10 18.46
C PHE A 211 8.50 -6.16 19.00
N GLY A 212 8.82 -5.32 19.98
CA GLY A 212 10.14 -5.28 20.53
C GLY A 212 11.21 -4.86 19.52
N ALA A 213 10.85 -3.95 18.58
CA ALA A 213 11.71 -3.55 17.47
C ALA A 213 11.98 -2.04 17.50
N LEU A 214 11.71 -1.38 18.62
CA LEU A 214 11.99 0.02 18.84
C LEU A 214 13.25 0.12 19.70
N THR A 215 14.32 0.73 19.19
CA THR A 215 15.55 0.91 19.95
C THR A 215 15.27 1.71 21.23
N PRO A 216 15.91 1.38 22.36
CA PRO A 216 15.90 2.27 23.52
C PRO A 216 16.81 3.49 23.36
N ASP A 217 17.69 3.53 22.34
CA ASP A 217 18.63 4.66 22.22
C ASP A 217 18.73 5.14 20.77
N VAL A 218 19.64 4.56 19.99
CA VAL A 218 19.88 4.97 18.62
C VAL A 218 19.74 3.75 17.70
N VAL A 219 19.60 4.05 16.40
CA VAL A 219 19.53 3.06 15.35
C VAL A 219 20.96 2.70 14.94
N ARG A 220 21.28 1.41 15.00
CA ARG A 220 22.59 0.95 14.66
C ARG A 220 22.52 -0.16 13.64
N PRO A 221 22.20 0.11 12.36
CA PRO A 221 22.05 -0.97 11.40
C PRO A 221 23.37 -1.72 11.20
N PHE A 222 23.26 -3.05 11.05
CA PHE A 222 24.35 -3.99 10.84
C PHE A 222 25.29 -4.05 12.06
N ASP A 223 24.92 -3.41 13.17
CA ASP A 223 25.71 -3.53 14.40
C ASP A 223 25.29 -4.80 15.18
N LYS A 224 26.31 -5.45 15.74
CA LYS A 224 26.21 -6.72 16.52
C LYS A 224 25.15 -6.59 17.63
N ASP A 225 25.02 -5.40 18.22
CA ASP A 225 24.17 -5.16 19.39
C ASP A 225 22.99 -4.25 19.03
N ARG A 226 22.59 -4.22 17.77
CA ARG A 226 21.49 -3.37 17.33
C ARG A 226 20.22 -3.81 18.05
N GLN A 227 19.31 -2.86 18.35
CA GLN A 227 18.08 -3.09 19.09
C GLN A 227 16.82 -2.56 18.39
N GLY A 228 16.90 -2.26 17.09
CA GLY A 228 15.71 -1.87 16.29
C GLY A 228 15.74 -0.42 15.83
N ILE A 229 14.54 0.08 15.46
CA ILE A 229 14.30 1.31 14.69
C ILE A 229 13.99 2.48 15.65
N LEU A 230 14.04 3.69 15.08
CA LEU A 230 13.23 4.79 15.57
C LEU A 230 12.23 5.06 14.46
N THR A 231 11.02 5.48 14.81
CA THR A 231 10.03 5.87 13.81
C THR A 231 10.42 7.24 13.23
N GLY A 232 10.14 7.42 11.94
CA GLY A 232 10.44 8.60 11.22
C GLY A 232 9.25 9.03 10.37
N GLU A 233 9.48 10.08 9.59
CA GLU A 233 8.50 10.66 8.72
C GLU A 233 9.18 11.57 7.67
N GLY A 234 8.34 12.12 6.80
CA GLY A 234 8.72 13.07 5.80
C GLY A 234 8.19 12.68 4.44
N ALA A 235 8.74 13.30 3.40
CA ALA A 235 8.37 12.96 2.02
C ALA A 235 9.59 13.16 1.13
N GLY A 236 9.74 12.26 0.17
CA GLY A 236 10.63 12.43 -0.92
C GLY A 236 9.84 12.29 -2.19
N ILE A 237 9.93 13.27 -3.09
CA ILE A 237 9.30 13.18 -4.39
C ILE A 237 10.37 13.40 -5.44
N LEU A 238 10.41 12.51 -6.44
CA LEU A 238 11.34 12.55 -7.51
C LEU A 238 10.60 12.91 -8.81
N VAL A 239 11.18 13.81 -9.63
CA VAL A 239 10.70 14.05 -10.98
C VAL A 239 11.42 13.09 -11.92
N LEU A 240 10.65 12.15 -12.48
CA LEU A 240 11.11 11.25 -13.50
C LEU A 240 10.64 11.85 -14.81
N GLU A 241 11.51 11.83 -15.84
CA GLU A 241 11.26 12.55 -17.08
C GLU A 241 11.95 11.80 -18.21
N SER A 242 11.36 11.74 -19.41
CA SER A 242 12.03 11.16 -20.56
C SER A 242 13.33 11.93 -20.81
N LEU A 243 14.38 11.22 -21.21
CA LEU A 243 15.60 11.98 -21.59
C LEU A 243 15.28 13.05 -22.64
N GLU A 244 14.45 12.71 -23.64
CA GLU A 244 14.10 13.65 -24.70
C GLU A 244 13.48 14.93 -24.10
N SER A 245 12.56 14.79 -23.14
CA SER A 245 11.91 15.98 -22.54
C SER A 245 12.95 16.82 -21.77
N ALA A 246 13.80 16.15 -21.01
CA ALA A 246 14.74 16.82 -20.18
C ALA A 246 15.71 17.60 -21.07
N LEU A 247 16.25 16.95 -22.11
CA LEU A 247 17.25 17.64 -22.95
C LEU A 247 16.56 18.76 -23.75
N ALA A 248 15.30 18.58 -24.17
CA ALA A 248 14.63 19.61 -25.00
C ALA A 248 14.50 20.93 -24.25
N ARG A 249 14.32 20.89 -22.92
CA ARG A 249 14.11 22.11 -22.14
C ARG A 249 15.38 22.53 -21.40
N GLY A 250 16.50 21.85 -21.65
CA GLY A 250 17.79 22.15 -21.00
C GLY A 250 17.78 21.97 -19.48
N ALA A 251 17.12 20.91 -18.99
CA ALA A 251 17.05 20.53 -17.57
C ALA A 251 18.41 20.04 -17.07
N ARG A 252 18.71 20.30 -15.80
CA ARG A 252 19.81 19.67 -15.15
C ARG A 252 19.35 18.27 -14.73
N ILE A 253 20.16 17.26 -15.06
CA ILE A 253 19.85 15.88 -14.74
C ILE A 253 20.70 15.46 -13.55
N HIS A 254 20.04 15.01 -12.49
CA HIS A 254 20.73 14.49 -11.30
C HIS A 254 21.37 13.12 -11.58
N ALA A 255 20.59 12.23 -12.24
CA ALA A 255 20.96 10.87 -12.45
C ALA A 255 19.95 10.22 -13.38
N GLU A 256 20.19 8.96 -13.71
CA GLU A 256 19.34 8.22 -14.64
C GLU A 256 18.72 7.03 -13.91
N VAL A 257 17.45 6.72 -14.23
CA VAL A 257 16.79 5.53 -13.70
C VAL A 257 17.07 4.39 -14.67
N LEU A 258 17.73 3.33 -14.21
CA LEU A 258 18.16 2.25 -15.08
C LEU A 258 17.10 1.12 -15.06
N GLY A 259 16.59 0.77 -13.88
CA GLY A 259 15.60 -0.28 -13.76
C GLY A 259 15.23 -0.59 -12.34
N TYR A 260 14.30 -1.54 -12.18
CA TYR A 260 13.86 -1.98 -10.85
C TYR A 260 13.37 -3.42 -10.92
N GLY A 261 13.18 -4.04 -9.75
CA GLY A 261 12.66 -5.37 -9.64
C GLY A 261 11.68 -5.50 -8.49
N LEU A 262 10.63 -6.31 -8.68
CA LEU A 262 9.66 -6.62 -7.64
C LEU A 262 9.68 -8.13 -7.41
N SER A 263 9.56 -8.53 -6.14
CA SER A 263 9.38 -9.94 -5.82
C SER A 263 8.48 -10.03 -4.61
N CYS A 264 7.77 -11.16 -4.48
CA CYS A 264 7.00 -11.49 -3.27
C CYS A 264 7.61 -12.75 -2.62
N ASP A 265 7.81 -12.72 -1.31
CA ASP A 265 8.33 -13.88 -0.57
C ASP A 265 7.30 -15.01 -0.59
N ALA A 266 5.99 -14.66 -0.60
CA ALA A 266 4.91 -15.64 -0.40
C ALA A 266 5.30 -16.62 0.72
N ALA A 267 5.74 -16.11 1.87
CA ALA A 267 6.26 -16.93 2.94
C ALA A 267 5.58 -16.58 4.27
N HIS A 268 6.12 -15.57 4.95
CA HIS A 268 5.68 -15.15 6.23
C HIS A 268 5.06 -13.75 6.15
N PRO A 269 4.09 -13.42 7.03
CA PRO A 269 3.46 -12.09 7.02
C PRO A 269 4.31 -10.88 7.47
N THR A 270 5.33 -11.11 8.32
CA THR A 270 6.13 -10.05 8.91
C THR A 270 7.63 -10.28 8.75
N ALA A 271 8.08 -11.54 8.67
CA ALA A 271 9.48 -11.87 8.62
C ALA A 271 9.99 -11.62 7.22
N PRO A 272 11.23 -11.10 7.06
CA PRO A 272 11.82 -10.96 5.74
C PRO A 272 12.32 -12.33 5.27
N ASN A 273 12.60 -12.46 3.98
CA ASN A 273 12.95 -13.71 3.39
C ASN A 273 14.18 -13.52 2.51
N ARG A 274 15.25 -14.29 2.78
CA ARG A 274 16.48 -14.08 2.05
C ARG A 274 16.33 -14.47 0.58
N ASP A 275 15.52 -15.48 0.27
CA ASP A 275 15.40 -15.90 -1.13
C ASP A 275 14.62 -14.83 -1.93
N GLY A 276 13.55 -14.33 -1.31
CA GLY A 276 12.69 -13.26 -1.91
C GLY A 276 13.48 -11.99 -2.18
N ILE A 277 14.31 -11.58 -1.21
CA ILE A 277 15.09 -10.37 -1.36
C ILE A 277 16.08 -10.54 -2.52
N ALA A 278 16.75 -11.70 -2.52
CA ALA A 278 17.70 -12.01 -3.53
C ALA A 278 17.03 -11.96 -4.92
N ARG A 279 15.86 -12.55 -5.06
CA ARG A 279 15.16 -12.52 -6.37
C ARG A 279 14.93 -11.08 -6.86
N GLY A 280 14.49 -10.21 -5.95
CA GLY A 280 14.26 -8.79 -6.26
C GLY A 280 15.52 -8.12 -6.75
N ILE A 281 16.66 -8.42 -6.11
CA ILE A 281 17.92 -7.83 -6.53
C ILE A 281 18.25 -8.29 -7.94
N ARG A 282 18.14 -9.59 -8.17
CA ARG A 282 18.46 -10.14 -9.51
C ARG A 282 17.53 -9.55 -10.59
N LEU A 283 16.22 -9.48 -10.32
CA LEU A 283 15.32 -8.92 -11.35
C LEU A 283 15.68 -7.47 -11.62
N ALA A 284 16.09 -6.73 -10.59
CA ALA A 284 16.44 -5.33 -10.79
C ALA A 284 17.71 -5.20 -11.65
N LEU A 285 18.74 -5.98 -11.34
CA LEU A 285 20.01 -5.93 -12.09
C LEU A 285 19.74 -6.26 -13.57
N ASP A 286 18.87 -7.26 -13.75
CA ASP A 286 18.45 -7.66 -15.13
C ASP A 286 17.69 -6.54 -15.84
N ASP A 287 16.73 -5.90 -15.17
CA ASP A 287 15.98 -4.80 -15.78
C ASP A 287 16.92 -3.65 -16.12
N ALA A 288 17.87 -3.39 -15.23
CA ALA A 288 18.76 -2.29 -15.41
C ALA A 288 19.80 -2.55 -16.50
N GLY A 289 20.03 -3.80 -16.89
CA GLY A 289 21.06 -4.13 -17.88
C GLY A 289 22.48 -4.03 -17.32
N VAL A 290 22.64 -4.36 -16.04
CA VAL A 290 23.83 -4.10 -15.23
C VAL A 290 24.33 -5.44 -14.68
N GLU A 291 25.65 -5.61 -14.66
CA GLU A 291 26.27 -6.78 -14.01
C GLU A 291 26.58 -6.39 -12.56
N GLN A 292 26.72 -7.39 -11.71
CA GLN A 292 26.94 -7.26 -10.28
C GLN A 292 28.20 -6.43 -10.03
N GLU A 293 29.21 -6.60 -10.89
CA GLU A 293 30.53 -6.01 -10.72
C GLU A 293 30.46 -4.49 -10.92
N GLU A 294 29.41 -4.00 -11.58
CA GLU A 294 29.28 -2.60 -11.91
C GLU A 294 28.62 -1.76 -10.77
N ILE A 295 28.10 -2.41 -9.75
CA ILE A 295 27.43 -1.73 -8.65
C ILE A 295 28.46 -1.12 -7.69
N ASP A 296 28.43 0.21 -7.52
CA ASP A 296 29.37 0.93 -6.65
C ASP A 296 29.01 0.77 -5.17
N PHE A 297 27.72 0.82 -4.82
CA PHE A 297 27.34 0.52 -3.45
C PHE A 297 25.84 0.25 -3.43
N ILE A 298 25.42 -0.37 -2.31
CA ILE A 298 24.05 -0.67 -2.04
C ILE A 298 23.55 0.20 -0.88
N SER A 299 22.42 0.86 -1.12
CA SER A 299 21.60 1.47 -0.08
C SER A 299 20.62 0.43 0.46
N ALA A 300 20.95 -0.17 1.62
CA ALA A 300 20.23 -1.24 2.18
C ALA A 300 18.92 -0.71 2.77
N HIS A 301 17.91 -1.59 2.76
CA HIS A 301 16.72 -1.30 3.48
C HIS A 301 17.07 -1.07 4.95
N GLY A 302 17.93 -1.95 5.51
CA GLY A 302 18.75 -1.64 6.73
C GLY A 302 17.99 -0.88 7.81
N THR A 303 16.99 -1.51 8.43
CA THR A 303 16.17 -0.88 9.45
C THR A 303 16.81 -0.89 10.83
N GLY A 304 17.79 -1.76 11.04
CA GLY A 304 18.44 -1.87 12.32
C GLY A 304 17.76 -2.88 13.23
N THR A 305 16.79 -3.64 12.71
CA THR A 305 16.24 -4.77 13.50
C THR A 305 17.17 -5.99 13.38
N LYS A 306 17.04 -6.90 14.34
CA LYS A 306 17.83 -8.14 14.35
C LYS A 306 17.52 -8.90 13.06
N ALA A 307 16.24 -9.12 12.77
CA ALA A 307 15.82 -9.99 11.66
C ALA A 307 16.15 -9.33 10.33
N ASN A 308 15.92 -8.01 10.21
CA ASN A 308 16.08 -7.39 8.87
C ASN A 308 17.54 -7.49 8.41
N ASP A 309 18.46 -7.01 9.25
CA ASP A 309 19.81 -6.79 8.80
C ASP A 309 20.54 -8.12 8.58
N LYS A 310 20.22 -9.10 9.41
CA LYS A 310 20.74 -10.46 9.22
C LYS A 310 20.29 -11.01 7.86
N THR A 311 18.98 -10.95 7.58
CA THR A 311 18.44 -11.59 6.37
C THR A 311 18.90 -10.84 5.12
N GLU A 312 18.96 -9.51 5.20
CA GLU A 312 19.28 -8.70 4.03
C GLU A 312 20.75 -8.92 3.64
N SER A 313 21.65 -8.93 4.62
CA SER A 313 23.05 -9.25 4.45
C SER A 313 23.21 -10.60 3.73
N ALA A 314 22.45 -11.60 4.19
CA ALA A 314 22.50 -12.99 3.60
C ALA A 314 22.08 -12.92 2.13
N ALA A 315 21.01 -12.17 1.86
CA ALA A 315 20.53 -12.09 0.48
C ALA A 315 21.61 -11.45 -0.40
N ILE A 316 22.20 -10.37 0.13
CA ILE A 316 23.21 -9.64 -0.65
C ILE A 316 24.38 -10.60 -0.98
N VAL A 317 24.82 -11.39 0.00
CA VAL A 317 25.95 -12.35 -0.18
C VAL A 317 25.52 -13.45 -1.17
N ASP A 318 24.28 -13.93 -1.02
CA ASP A 318 23.69 -14.87 -2.00
C ASP A 318 23.78 -14.31 -3.42
N VAL A 319 23.60 -13.00 -3.61
CA VAL A 319 23.65 -12.51 -4.96
C VAL A 319 25.09 -12.25 -5.37
N TYR A 320 25.90 -11.63 -4.50
CA TYR A 320 27.16 -11.02 -4.94
C TYR A 320 28.38 -11.89 -4.61
N GLY A 321 28.23 -12.89 -3.74
CA GLY A 321 29.36 -13.68 -3.23
C GLY A 321 30.04 -13.01 -2.05
N ASP A 322 31.31 -13.38 -1.81
CA ASP A 322 32.02 -13.18 -0.53
C ASP A 322 32.46 -11.72 -0.33
N ALA A 323 32.73 -11.04 -1.46
CA ALA A 323 33.13 -9.62 -1.50
C ALA A 323 32.03 -8.77 -2.17
N PRO A 324 30.89 -8.53 -1.48
CA PRO A 324 29.83 -7.68 -2.04
C PRO A 324 30.23 -6.21 -2.10
N PRO A 325 29.44 -5.35 -2.78
CA PRO A 325 29.68 -3.92 -2.70
C PRO A 325 29.54 -3.41 -1.27
N ARG A 326 30.12 -2.23 -1.01
CA ARG A 326 29.83 -1.46 0.15
C ARG A 326 28.30 -1.36 0.30
N THR A 327 27.81 -1.54 1.52
CA THR A 327 26.39 -1.59 1.84
C THR A 327 26.09 -0.72 3.06
N VAL A 328 25.32 0.36 2.83
CA VAL A 328 25.09 1.36 3.82
C VAL A 328 23.58 1.47 4.12
N ALA A 329 23.29 2.07 5.27
CA ALA A 329 21.97 2.19 5.83
C ALA A 329 21.69 3.65 6.16
N VAL A 330 20.94 4.29 5.28
CA VAL A 330 20.51 5.72 5.41
C VAL A 330 19.54 5.87 6.59
N LYS A 331 18.82 4.81 6.97
CA LYS A 331 17.96 4.83 8.19
C LYS A 331 18.79 5.01 9.49
N SER A 332 20.10 4.74 9.46
CA SER A 332 20.98 5.09 10.61
C SER A 332 20.83 6.58 10.97
N MET A 333 20.63 7.43 9.94
CA MET A 333 20.52 8.87 10.10
C MET A 333 19.04 9.28 10.21
N LEU A 334 18.17 8.76 9.33
CA LEU A 334 16.75 9.25 9.18
C LEU A 334 15.79 8.59 10.17
N GLY A 335 16.18 7.45 10.76
CA GLY A 335 15.21 6.54 11.31
C GLY A 335 14.38 5.92 10.20
N HIS A 336 13.25 5.30 10.57
CA HIS A 336 12.44 4.60 9.57
C HIS A 336 11.26 5.51 9.17
N SER A 337 11.38 6.16 8.01
CA SER A 337 10.30 7.03 7.51
C SER A 337 9.21 6.26 6.73
N MET A 338 9.14 4.94 6.90
CA MET A 338 7.98 4.16 6.51
C MET A 338 7.85 4.19 4.96
N GLY A 339 6.71 4.69 4.43
CA GLY A 339 6.51 4.79 2.97
C GLY A 339 7.51 5.75 2.31
N ALA A 340 7.93 6.80 3.04
CA ALA A 340 8.86 7.76 2.52
C ALA A 340 10.30 7.19 2.49
N ALA A 341 10.59 6.08 3.21
CA ALA A 341 12.00 5.67 3.47
C ALA A 341 12.73 5.38 2.16
N SER A 342 12.13 4.56 1.31
CA SER A 342 12.78 4.11 0.10
C SER A 342 12.87 5.27 -0.90
N ALA A 343 11.95 6.25 -0.82
CA ALA A 343 12.01 7.44 -1.71
C ALA A 343 13.16 8.36 -1.29
N LEU A 344 13.26 8.61 0.02
CA LEU A 344 14.39 9.37 0.54
C LEU A 344 15.70 8.64 0.28
N GLY A 345 15.66 7.31 0.36
CA GLY A 345 16.85 6.52 0.04
C GLY A 345 17.27 6.70 -1.40
N ALA A 346 16.27 6.68 -2.28
CA ALA A 346 16.51 6.79 -3.70
C ALA A 346 17.14 8.15 -4.01
N ILE A 347 16.62 9.20 -3.36
CA ILE A 347 17.15 10.55 -3.55
C ILE A 347 18.62 10.58 -3.03
N ALA A 348 18.89 9.96 -1.87
CA ALA A 348 20.28 9.84 -1.36
C ALA A 348 21.16 9.18 -2.42
N CYS A 349 20.67 8.11 -3.04
CA CYS A 349 21.44 7.41 -4.04
C CYS A 349 21.75 8.33 -5.24
N GLY A 350 20.74 9.05 -5.74
CA GLY A 350 20.88 10.04 -6.82
C GLY A 350 21.97 11.08 -6.51
N LEU A 351 21.93 11.59 -5.28
CA LEU A 351 22.84 12.62 -4.88
C LEU A 351 24.25 12.05 -4.75
N ALA A 352 24.37 10.80 -4.31
CA ALA A 352 25.66 10.11 -4.18
C ALA A 352 26.34 9.99 -5.55
N ILE A 353 25.55 9.59 -6.55
CA ILE A 353 25.97 9.52 -7.96
C ILE A 353 26.43 10.89 -8.44
N GLU A 354 25.59 11.92 -8.26
CA GLU A 354 25.87 13.24 -8.79
C GLU A 354 27.11 13.86 -8.14
N HIS A 355 27.25 13.72 -6.83
CA HIS A 355 28.25 14.46 -6.06
C HIS A 355 29.48 13.61 -5.69
N GLY A 356 29.48 12.31 -6.01
CA GLY A 356 30.62 11.42 -5.77
C GLY A 356 30.97 11.17 -4.30
N PHE A 357 29.98 10.76 -3.49
CA PHE A 357 30.26 10.34 -2.11
C PHE A 357 29.37 9.16 -1.75
N ILE A 358 29.76 8.38 -0.72
CA ILE A 358 28.91 7.37 -0.19
C ILE A 358 28.45 7.81 1.20
N PRO A 359 27.14 7.88 1.47
CA PRO A 359 26.67 8.22 2.80
C PRO A 359 26.95 7.11 3.82
N PRO A 360 27.20 7.48 5.08
CA PRO A 360 27.62 6.52 6.11
C PRO A 360 26.49 5.74 6.79
N THR A 361 26.82 4.57 7.32
CA THR A 361 26.01 3.93 8.38
C THR A 361 26.50 4.48 9.71
N ILE A 362 25.72 5.35 10.36
CA ILE A 362 26.18 5.99 11.58
C ILE A 362 25.80 5.11 12.79
N ASN A 363 26.28 5.53 13.97
CA ASN A 363 26.01 4.86 15.25
C ASN A 363 26.61 3.45 15.23
N HIS A 364 27.69 3.23 14.45
CA HIS A 364 28.20 1.93 14.21
C HIS A 364 29.38 1.67 15.16
N ARG A 365 29.41 0.51 15.83
CA ARG A 365 30.49 0.22 16.83
C ARG A 365 31.22 -1.06 16.45
N GLU A 366 30.46 -2.10 16.15
CA GLU A 366 31.02 -3.37 15.77
C GLU A 366 30.06 -4.08 14.81
N THR A 367 30.57 -4.39 13.63
CA THR A 367 29.81 -5.11 12.63
C THR A 367 29.48 -6.51 13.15
N ASP A 368 28.22 -6.91 12.95
CA ASP A 368 27.77 -8.24 13.24
C ASP A 368 28.60 -9.22 12.41
N PRO A 369 29.13 -10.31 13.02
CA PRO A 369 29.75 -11.40 12.26
C PRO A 369 28.83 -12.04 11.21
N ASP A 370 27.52 -11.98 11.47
CA ASP A 370 26.45 -12.44 10.56
C ASP A 370 26.11 -11.41 9.47
N CYS A 371 26.79 -10.26 9.46
CA CYS A 371 26.57 -9.20 8.46
C CYS A 371 27.92 -8.81 7.86
N PRO A 372 28.66 -9.71 7.16
CA PRO A 372 30.04 -9.46 6.69
C PRO A 372 30.20 -8.50 5.51
N LEU A 373 29.74 -7.27 5.71
CA LEU A 373 29.76 -6.20 4.75
C LEU A 373 30.70 -5.10 5.25
N ASP A 374 31.11 -4.25 4.32
CA ASP A 374 31.69 -2.96 4.59
C ASP A 374 30.55 -1.93 4.58
N VAL A 375 30.21 -1.42 5.77
CA VAL A 375 29.02 -0.57 5.95
C VAL A 375 29.33 0.93 5.86
N VAL A 376 30.59 1.30 5.53
CA VAL A 376 31.03 2.68 5.47
C VAL A 376 30.69 3.33 6.83
N PRO A 377 31.28 2.84 7.93
CA PRO A 377 30.89 3.33 9.26
C PRO A 377 31.20 4.80 9.55
N ASN A 378 30.15 5.48 10.03
CA ASN A 378 30.16 6.70 10.80
C ASN A 378 30.55 7.96 10.02
N ARG A 379 31.29 7.84 8.94
CA ARG A 379 31.61 9.03 8.14
C ARG A 379 31.53 8.66 6.63
N ALA A 380 31.04 9.63 5.87
CA ALA A 380 30.93 9.56 4.38
C ALA A 380 32.33 9.40 3.76
N VAL A 381 32.42 8.71 2.61
CA VAL A 381 33.68 8.58 1.87
C VAL A 381 33.49 9.19 0.49
N GLU A 382 34.55 9.82 0.00
CA GLU A 382 34.58 10.24 -1.41
C GLU A 382 34.82 9.00 -2.25
N ALA A 383 34.11 8.89 -3.38
CA ALA A 383 34.25 7.76 -4.24
C ALA A 383 33.67 8.10 -5.62
N ASP A 384 34.15 7.36 -6.60
CA ASP A 384 33.67 7.43 -7.97
C ASP A 384 32.40 6.59 -8.08
N VAL A 385 31.26 7.24 -7.88
CA VAL A 385 29.97 6.55 -7.74
C VAL A 385 29.26 6.71 -9.08
N ARG A 386 28.92 5.58 -9.72
CA ARG A 386 28.31 5.66 -11.04
C ARG A 386 26.96 4.92 -11.09
N ILE A 387 26.88 3.74 -10.47
CA ILE A 387 25.69 2.91 -10.44
C ILE A 387 25.45 2.44 -9.00
N VAL A 388 24.21 2.61 -8.54
CA VAL A 388 23.83 2.38 -7.14
C VAL A 388 22.52 1.58 -7.07
N GLN A 389 22.43 0.68 -6.10
CA GLN A 389 21.27 -0.17 -5.84
C GLN A 389 20.58 0.28 -4.54
N ASN A 390 19.25 0.49 -4.61
CA ASN A 390 18.46 0.94 -3.47
C ASN A 390 17.46 -0.17 -3.16
N ASN A 391 17.61 -0.80 -1.98
CA ASN A 391 16.78 -1.89 -1.54
C ASN A 391 15.61 -1.35 -0.71
N SER A 392 14.50 -2.08 -0.80
CA SER A 392 13.39 -1.86 0.12
C SER A 392 12.65 -3.17 0.28
N SER A 393 12.01 -3.33 1.45
CA SER A 393 11.14 -4.45 1.65
C SER A 393 10.13 -4.10 2.76
N ALA A 394 9.10 -4.93 2.87
CA ALA A 394 7.99 -4.63 3.76
C ALA A 394 7.37 -5.92 4.32
N PHE A 395 6.46 -5.76 5.29
CA PHE A 395 5.56 -6.83 5.66
C PHE A 395 4.83 -7.32 4.41
N ALA A 396 4.22 -8.50 4.51
CA ALA A 396 3.47 -9.15 3.37
C ALA A 396 4.45 -9.65 2.28
N GLY A 397 5.75 -9.72 2.61
CA GLY A 397 6.77 -10.26 1.74
C GLY A 397 7.02 -9.42 0.49
N ASN A 398 6.68 -8.12 0.52
CA ASN A 398 6.82 -7.24 -0.65
C ASN A 398 8.27 -6.74 -0.70
N ASN A 399 8.98 -7.01 -1.79
CA ASN A 399 10.33 -6.55 -2.02
C ASN A 399 10.38 -5.71 -3.29
N ALA A 400 11.12 -4.60 -3.25
CA ALA A 400 11.35 -3.69 -4.42
C ALA A 400 12.77 -3.09 -4.34
N VAL A 401 13.54 -3.30 -5.40
CA VAL A 401 14.88 -2.90 -5.54
C VAL A 401 15.00 -2.00 -6.76
N LEU A 402 15.72 -0.87 -6.62
CA LEU A 402 15.83 0.16 -7.67
C LEU A 402 17.31 0.37 -8.02
N ILE A 403 17.62 0.50 -9.32
CA ILE A 403 18.99 0.74 -9.77
C ILE A 403 19.05 2.13 -10.42
N LEU A 404 19.94 2.99 -9.92
CA LEU A 404 20.19 4.26 -10.54
C LEU A 404 21.61 4.28 -11.11
N GLY A 405 21.81 5.14 -12.11
CA GLY A 405 23.07 5.27 -12.81
C GLY A 405 23.37 6.71 -13.14
N THR A 406 24.58 6.92 -13.61
CA THR A 406 25.09 8.22 -13.91
C THR A 406 24.63 8.57 -15.34
N TYR A 407 24.22 9.82 -15.56
CA TYR A 407 23.83 10.24 -16.91
C TYR A 407 25.02 10.94 -17.60
N GLY A 408 25.40 10.44 -18.79
CA GLY A 408 26.45 11.01 -19.67
C GLY A 408 27.65 11.59 -18.92
N LEU B 15 -7.28 -7.47 -32.52
CA LEU B 15 -6.76 -7.09 -31.15
C LEU B 15 -5.32 -6.60 -31.28
N PRO B 16 -5.04 -5.30 -31.01
CA PRO B 16 -3.66 -4.78 -31.07
C PRO B 16 -2.64 -5.72 -30.44
N PRO B 17 -1.36 -5.66 -30.89
CA PRO B 17 -0.31 -6.64 -30.56
C PRO B 17 -0.31 -7.41 -29.23
N GLY B 18 -0.32 -6.71 -28.08
CA GLY B 18 -0.19 -7.32 -26.72
C GLY B 18 -1.30 -6.90 -25.75
N THR B 19 -2.56 -7.12 -26.14
CA THR B 19 -3.72 -6.61 -25.39
C THR B 19 -3.99 -7.52 -24.20
N PRO B 20 -4.17 -6.98 -22.99
CA PRO B 20 -4.62 -7.79 -21.86
C PRO B 20 -6.04 -8.31 -22.08
N VAL B 21 -6.32 -9.56 -21.69
CA VAL B 21 -7.68 -10.12 -21.79
C VAL B 21 -8.03 -10.70 -20.44
N ILE B 22 -9.25 -10.47 -19.99
CA ILE B 22 -9.76 -11.12 -18.83
C ILE B 22 -10.21 -12.52 -19.29
N THR B 23 -9.77 -13.57 -18.56
CA THR B 23 -10.06 -14.94 -18.90
C THR B 23 -10.76 -15.63 -17.74
N GLY B 24 -11.08 -14.88 -16.68
CA GLY B 24 -11.74 -15.44 -15.52
C GLY B 24 -12.12 -14.35 -14.55
N TRP B 25 -13.15 -14.60 -13.73
CA TRP B 25 -13.51 -13.69 -12.67
C TRP B 25 -14.13 -14.43 -11.51
N SER B 26 -14.20 -13.70 -10.39
CA SER B 26 -14.78 -14.17 -9.16
C SER B 26 -15.30 -12.97 -8.35
N ALA B 27 -16.21 -13.24 -7.40
CA ALA B 27 -16.89 -12.22 -6.67
C ALA B 27 -17.45 -12.79 -5.38
N VAL B 28 -17.30 -12.00 -4.32
CA VAL B 28 -17.91 -12.16 -3.05
C VAL B 28 -18.57 -10.83 -2.74
N SER B 29 -19.90 -10.81 -2.62
CA SER B 29 -20.67 -9.57 -2.74
C SER B 29 -21.92 -9.61 -1.88
N PRO B 30 -22.70 -8.51 -1.85
CA PRO B 30 -24.01 -8.53 -1.20
C PRO B 30 -25.00 -9.51 -1.87
N TYR B 31 -24.71 -9.95 -3.11
CA TYR B 31 -25.49 -11.00 -3.80
C TYR B 31 -25.08 -12.42 -3.31
N GLY B 32 -24.05 -12.52 -2.46
CA GLY B 32 -23.52 -13.80 -1.93
C GLY B 32 -22.11 -14.14 -2.41
N ILE B 33 -21.73 -15.37 -2.06
CA ILE B 33 -20.39 -15.89 -2.21
C ILE B 33 -20.28 -16.65 -3.53
N GLY B 34 -19.64 -16.04 -4.53
CA GLY B 34 -19.23 -16.72 -5.75
C GLY B 34 -19.81 -16.09 -7.00
N ARG B 35 -19.25 -16.49 -8.12
CA ARG B 35 -19.53 -15.98 -9.44
C ARG B 35 -21.01 -16.24 -9.74
N ALA B 36 -21.51 -17.38 -9.24
CA ALA B 36 -22.84 -17.86 -9.62
C ALA B 36 -23.86 -16.94 -8.95
N GLU B 37 -23.70 -16.79 -7.63
CA GLU B 37 -24.56 -15.95 -6.82
C GLU B 37 -24.64 -14.53 -7.42
N PHE B 38 -23.54 -14.05 -8.02
CA PHE B 38 -23.41 -12.65 -8.47
C PHE B 38 -24.14 -12.46 -9.81
N ALA B 39 -23.87 -13.35 -10.77
CA ALA B 39 -24.55 -13.33 -12.07
C ALA B 39 -26.06 -13.51 -11.90
N ALA B 40 -26.47 -14.23 -10.85
CA ALA B 40 -27.90 -14.43 -10.50
C ALA B 40 -28.50 -13.12 -9.97
N GLY B 41 -27.78 -12.49 -9.02
CA GLY B 41 -28.17 -11.20 -8.48
C GLY B 41 -28.41 -10.19 -9.58
N VAL B 42 -27.55 -10.22 -10.59
CA VAL B 42 -27.51 -9.22 -11.62
C VAL B 42 -28.68 -9.46 -12.58
N ARG B 43 -28.89 -10.72 -12.99
CA ARG B 43 -29.93 -11.03 -13.96
C ARG B 43 -31.28 -10.62 -13.37
N ALA B 44 -31.44 -10.77 -12.05
CA ALA B 44 -32.70 -10.54 -11.37
C ALA B 44 -32.86 -9.10 -10.87
N GLY B 45 -31.82 -8.26 -10.99
CA GLY B 45 -31.80 -6.94 -10.35
C GLY B 45 -32.23 -7.00 -8.90
N ALA B 46 -31.74 -7.99 -8.15
CA ALA B 46 -32.12 -8.20 -6.76
C ALA B 46 -31.66 -7.04 -5.86
N LYS B 47 -32.42 -6.80 -4.79
CA LYS B 47 -32.05 -5.94 -3.68
C LYS B 47 -31.28 -6.79 -2.65
N THR B 48 -30.43 -6.13 -1.84
CA THR B 48 -29.45 -6.82 -0.97
C THR B 48 -29.45 -6.26 0.46
N ALA B 49 -30.09 -5.10 0.67
CA ALA B 49 -30.08 -4.45 1.98
C ALA B 49 -30.83 -5.29 3.04
N VAL B 50 -30.18 -5.49 4.18
CA VAL B 50 -30.75 -6.12 5.37
C VAL B 50 -30.48 -5.20 6.56
N LYS B 51 -30.74 -5.66 7.79
CA LYS B 51 -30.33 -4.98 9.04
C LYS B 51 -29.01 -5.59 9.54
N ALA B 52 -28.34 -4.91 10.47
CA ALA B 52 -26.99 -5.33 10.89
C ALA B 52 -27.03 -6.10 12.21
N ASP B 53 -26.18 -7.12 12.35
CA ASP B 53 -26.00 -7.87 13.62
C ASP B 53 -25.83 -6.83 14.72
N ALA B 54 -26.63 -6.91 15.79
CA ALA B 54 -26.46 -6.01 16.92
C ALA B 54 -25.18 -6.37 17.69
N GLY B 55 -24.50 -7.44 17.22
CA GLY B 55 -23.16 -7.83 17.67
C GLY B 55 -22.08 -6.83 17.28
N LEU B 56 -22.26 -6.20 16.09
CA LEU B 56 -21.39 -5.10 15.61
C LEU B 56 -21.41 -3.90 16.58
N GLY B 57 -22.42 -3.84 17.47
CA GLY B 57 -22.59 -2.75 18.46
C GLY B 57 -23.34 -1.57 17.85
N PRO B 58 -23.46 -0.42 18.56
CA PRO B 58 -24.22 0.72 18.02
C PRO B 58 -23.67 1.19 16.66
N LEU B 59 -24.56 1.44 15.69
CA LEU B 59 -24.26 1.90 14.33
C LEU B 59 -25.04 3.18 14.03
N PRO B 60 -24.61 4.01 13.06
CA PRO B 60 -25.34 5.23 12.72
C PRO B 60 -26.66 5.01 11.99
N SER B 61 -26.73 3.94 11.21
CA SER B 61 -27.83 3.70 10.31
C SER B 61 -28.24 2.23 10.42
N SER B 62 -29.47 1.97 10.00
CA SER B 62 -30.13 0.73 10.28
C SER B 62 -29.68 -0.34 9.28
N ASP B 63 -29.66 0.06 8.00
CA ASP B 63 -29.57 -0.82 6.86
C ASP B 63 -28.11 -0.91 6.38
N VAL B 64 -27.73 -2.09 5.85
CA VAL B 64 -26.39 -2.38 5.32
C VAL B 64 -26.53 -3.36 4.14
N CYS B 65 -25.58 -3.36 3.21
CA CYS B 65 -25.53 -4.38 2.17
C CYS B 65 -24.34 -5.32 2.39
N THR B 66 -24.40 -6.12 3.48
CA THR B 66 -23.33 -7.06 3.89
C THR B 66 -23.32 -8.29 2.96
N VAL B 67 -22.20 -9.01 2.98
CA VAL B 67 -22.13 -10.29 2.31
C VAL B 67 -22.97 -11.23 3.17
N PRO B 68 -24.01 -11.85 2.59
CA PRO B 68 -24.87 -12.75 3.34
C PRO B 68 -24.13 -14.08 3.57
N GLY B 69 -24.04 -14.47 4.84
CA GLY B 69 -23.61 -15.81 5.23
C GLY B 69 -22.09 -15.97 5.17
N PHE B 70 -21.37 -14.88 5.44
CA PHE B 70 -19.91 -14.86 5.41
C PHE B 70 -19.39 -14.76 6.83
N ASP B 71 -18.88 -15.88 7.35
CA ASP B 71 -18.19 -15.96 8.62
C ASP B 71 -16.79 -16.48 8.32
N ILE B 72 -15.78 -15.85 8.95
CA ILE B 72 -14.39 -16.00 8.53
C ILE B 72 -13.93 -17.44 8.79
N GLN B 73 -14.18 -17.94 10.01
CA GLN B 73 -13.71 -19.27 10.49
C GLN B 73 -14.42 -20.37 9.70
N GLU B 74 -15.65 -20.10 9.26
CA GLU B 74 -16.42 -21.02 8.42
C GLU B 74 -15.82 -21.13 7.02
N GLN B 75 -15.49 -19.98 6.40
CA GLN B 75 -15.08 -19.99 5.01
C GLN B 75 -13.65 -20.52 4.88
N LEU B 76 -12.82 -20.30 5.91
CA LEU B 76 -11.35 -20.40 5.76
C LEU B 76 -10.75 -21.37 6.77
N GLY B 77 -11.56 -21.87 7.70
CA GLY B 77 -11.13 -22.87 8.63
C GLY B 77 -10.69 -22.24 9.95
N PRO B 78 -10.33 -23.07 10.96
CA PRO B 78 -10.05 -22.57 12.31
C PRO B 78 -8.60 -22.18 12.62
N ARG B 79 -7.68 -22.37 11.65
CA ARG B 79 -6.24 -22.10 11.85
C ARG B 79 -5.84 -20.73 11.27
N GLY B 80 -5.26 -19.88 12.11
CA GLY B 80 -4.72 -18.58 11.71
C GLY B 80 -5.79 -17.63 11.18
N THR B 81 -7.00 -17.73 11.72
CA THR B 81 -8.15 -17.01 11.19
C THR B 81 -8.88 -16.25 12.29
N ALA B 82 -8.58 -16.55 13.55
CA ALA B 82 -9.28 -16.01 14.69
C ALA B 82 -9.05 -14.49 14.82
N LYS B 83 -7.92 -14.00 14.31
CA LYS B 83 -7.55 -12.61 14.41
C LYS B 83 -7.53 -11.93 13.04
N MET B 84 -7.90 -12.68 11.99
CA MET B 84 -7.90 -12.21 10.63
C MET B 84 -8.99 -11.13 10.45
N ASP B 85 -8.71 -10.15 9.61
CA ASP B 85 -9.66 -9.09 9.30
C ASP B 85 -10.56 -9.51 8.13
N ARG B 86 -11.75 -8.93 8.13
CA ARG B 86 -12.77 -9.29 7.20
C ARG B 86 -12.28 -8.96 5.80
N LEU B 87 -11.49 -7.88 5.66
CA LEU B 87 -11.02 -7.46 4.33
C LEU B 87 -10.14 -8.56 3.71
N THR B 88 -9.20 -9.08 4.51
CA THR B 88 -8.35 -10.17 4.05
C THR B 88 -9.21 -11.40 3.66
N ALA B 89 -10.15 -11.75 4.52
CA ALA B 89 -10.96 -12.97 4.36
C ALA B 89 -11.74 -12.92 3.06
N LEU B 90 -12.33 -11.76 2.76
CA LEU B 90 -13.08 -11.57 1.50
C LEU B 90 -12.18 -11.78 0.30
N ALA B 91 -10.96 -11.21 0.36
CA ALA B 91 -10.03 -11.35 -0.76
C ALA B 91 -9.60 -12.81 -0.92
N LEU B 92 -9.34 -13.49 0.18
CA LEU B 92 -8.88 -14.94 0.10
C LEU B 92 -9.97 -15.85 -0.54
N VAL B 93 -11.22 -15.65 -0.14
CA VAL B 93 -12.32 -16.45 -0.72
C VAL B 93 -12.50 -16.12 -2.21
N ALA B 94 -12.41 -14.84 -2.56
CA ALA B 94 -12.50 -14.48 -3.95
C ALA B 94 -11.35 -15.13 -4.71
N SER B 95 -10.18 -15.27 -4.06
CA SER B 95 -9.02 -15.91 -4.74
C SER B 95 -9.27 -17.42 -4.94
N ASP B 96 -9.89 -18.07 -3.95
CA ASP B 96 -10.30 -19.52 -4.06
C ASP B 96 -11.28 -19.67 -5.23
N GLY B 97 -12.21 -18.71 -5.37
CA GLY B 97 -13.18 -18.69 -6.45
C GLY B 97 -12.50 -18.65 -7.80
N LEU B 98 -11.40 -17.90 -7.90
CA LEU B 98 -10.80 -17.60 -9.19
C LEU B 98 -9.89 -18.75 -9.63
N LEU B 99 -9.18 -19.35 -8.67
CA LEU B 99 -8.05 -20.22 -9.02
C LEU B 99 -8.39 -21.72 -8.92
N LEU B 100 -9.34 -22.08 -8.03
CA LEU B 100 -9.66 -23.49 -7.71
C LEU B 100 -10.93 -23.96 -8.46
N ASP B 101 -10.94 -25.24 -8.85
CA ASP B 101 -12.12 -25.96 -9.38
C ASP B 101 -13.00 -26.35 -8.19
N ALA B 102 -14.16 -26.95 -8.49
CA ALA B 102 -15.20 -27.32 -7.49
C ALA B 102 -14.65 -28.15 -6.33
N ASP B 103 -13.60 -28.95 -6.57
CA ASP B 103 -13.01 -29.91 -5.59
C ASP B 103 -11.97 -29.26 -4.68
N GLY B 104 -11.34 -28.17 -5.14
CA GLY B 104 -10.36 -27.43 -4.34
C GLY B 104 -8.94 -27.64 -4.81
N ASN B 105 -8.79 -28.17 -6.02
CA ASN B 105 -7.50 -28.29 -6.71
C ASN B 105 -7.41 -27.16 -7.74
N ARG B 106 -6.18 -26.83 -8.14
CA ARG B 106 -5.94 -25.75 -9.09
C ARG B 106 -6.55 -26.04 -10.43
N ALA B 107 -7.42 -25.13 -10.89
CA ALA B 107 -7.94 -25.06 -12.27
C ALA B 107 -7.06 -24.13 -13.12
N VAL B 108 -6.46 -23.12 -12.47
CA VAL B 108 -5.67 -22.05 -13.12
C VAL B 108 -4.20 -22.20 -12.67
N ALA B 109 -3.32 -22.40 -13.66
CA ALA B 109 -1.88 -22.53 -13.41
C ALA B 109 -1.32 -21.12 -13.21
N THR B 110 -0.52 -20.93 -12.15
CA THR B 110 0.19 -19.69 -11.92
C THR B 110 1.66 -20.03 -11.74
N ASP B 111 2.52 -19.01 -11.88
CA ASP B 111 3.95 -19.13 -11.66
C ASP B 111 4.49 -17.79 -11.13
N GLU B 112 5.81 -17.60 -11.22
CA GLU B 112 6.50 -16.47 -10.61
C GLU B 112 6.30 -15.20 -11.46
N LEU B 113 5.75 -15.35 -12.68
CA LEU B 113 5.36 -14.25 -13.57
C LEU B 113 3.86 -13.91 -13.49
N THR B 114 3.18 -14.38 -12.44
CA THR B 114 1.79 -14.02 -12.15
C THR B 114 1.78 -12.92 -11.09
N GLY B 115 1.38 -11.73 -11.50
CA GLY B 115 1.24 -10.60 -10.56
C GLY B 115 -0.05 -10.66 -9.78
N VAL B 116 -0.07 -9.92 -8.67
CA VAL B 116 -1.21 -9.63 -7.87
C VAL B 116 -1.26 -8.11 -7.65
N VAL B 117 -2.39 -7.48 -7.98
CA VAL B 117 -2.63 -6.10 -7.50
C VAL B 117 -4.09 -5.94 -7.05
N LEU B 118 -4.23 -5.49 -5.81
CA LEU B 118 -5.52 -5.24 -5.16
C LEU B 118 -5.70 -3.73 -4.89
N GLY B 119 -6.88 -3.20 -5.24
CA GLY B 119 -7.31 -1.87 -4.83
C GLY B 119 -8.12 -1.90 -3.54
N ILE B 120 -7.87 -0.87 -2.71
CA ILE B 120 -8.49 -0.65 -1.41
C ILE B 120 -8.86 0.84 -1.26
N THR B 121 -9.51 1.15 -0.13
CA THR B 121 -9.79 2.51 0.24
C THR B 121 -8.76 2.94 1.29
N MET B 122 -8.86 2.30 2.47
CA MET B 122 -7.95 2.54 3.58
C MET B 122 -7.81 1.28 4.44
N GLY B 123 -7.95 0.12 3.80
CA GLY B 123 -7.68 -1.16 4.45
C GLY B 123 -8.70 -1.44 5.54
N SER B 124 -8.29 -2.13 6.59
CA SER B 124 -9.19 -2.50 7.69
C SER B 124 -9.18 -1.42 8.74
N LEU B 125 -10.18 -0.52 8.66
CA LEU B 125 -10.39 0.52 9.67
C LEU B 125 -10.80 -0.12 11.00
N GLU B 126 -11.48 -1.27 10.96
CA GLU B 126 -11.85 -1.95 12.22
C GLU B 126 -10.55 -2.27 12.99
N ASN B 127 -9.60 -2.91 12.31
CA ASN B 127 -8.30 -3.35 12.90
C ASN B 127 -7.56 -2.17 13.54
N VAL B 128 -7.39 -1.10 12.75
CA VAL B 128 -6.56 0.04 13.21
C VAL B 128 -7.24 0.74 14.39
N THR B 129 -8.55 0.97 14.30
CA THR B 129 -9.25 1.66 15.39
C THR B 129 -9.32 0.80 16.66
N ASP B 130 -9.44 -0.53 16.51
CA ASP B 130 -9.38 -1.47 17.67
C ASP B 130 -7.98 -1.41 18.32
N PHE B 131 -6.93 -1.39 17.48
CA PHE B 131 -5.54 -1.21 17.95
C PHE B 131 -5.41 0.09 18.77
N LEU B 132 -5.81 1.21 18.19
CA LEU B 132 -5.66 2.50 18.83
C LEU B 132 -6.54 2.60 20.09
N ARG B 133 -7.75 2.03 20.00
CA ARG B 133 -8.70 2.05 21.13
C ARG B 133 -8.02 1.38 22.32
N GLN B 134 -7.33 0.25 22.09
CA GLN B 134 -6.74 -0.42 23.23
C GLN B 134 -5.49 0.34 23.69
N SER B 135 -4.77 1.01 22.76
CA SER B 135 -3.62 1.84 23.14
C SER B 135 -4.05 2.94 24.11
N TYR B 136 -5.20 3.55 23.82
CA TYR B 136 -5.72 4.68 24.59
C TYR B 136 -6.37 4.25 25.93
N THR B 137 -6.92 3.03 25.99
CA THR B 137 -7.82 2.68 27.11
C THR B 137 -7.20 1.61 28.02
N ASN B 138 -6.25 0.81 27.52
CA ASN B 138 -5.65 -0.20 28.37
C ASN B 138 -4.65 0.49 29.29
N ALA B 139 -4.03 -0.28 30.20
CA ALA B 139 -3.30 0.29 31.35
C ALA B 139 -1.95 0.84 30.88
N ARG B 140 -1.39 0.27 29.82
CA ARG B 140 -0.17 0.81 29.19
C ARG B 140 -0.47 0.95 27.71
N PRO B 141 0.04 2.00 27.04
CA PRO B 141 -0.41 2.32 25.69
C PRO B 141 0.15 1.37 24.61
N PHE B 142 1.01 0.43 25.01
CA PHE B 142 1.52 -0.62 24.14
C PHE B 142 0.88 -1.98 24.46
N TYR B 143 -0.12 -2.00 25.35
CA TYR B 143 -1.00 -3.18 25.53
C TYR B 143 -1.98 -3.25 24.37
N VAL B 144 -1.47 -3.72 23.22
CA VAL B 144 -2.24 -3.88 22.01
C VAL B 144 -2.12 -5.34 21.56
N ASP B 145 -3.09 -5.76 20.73
CA ASP B 145 -3.23 -7.13 20.33
C ASP B 145 -2.19 -7.39 19.24
N ALA B 146 -1.12 -8.08 19.62
CA ALA B 146 0.06 -8.28 18.76
C ALA B 146 -0.28 -9.15 17.56
N GLY B 147 -1.20 -10.11 17.75
CA GLY B 147 -1.56 -11.03 16.69
C GLY B 147 -2.38 -10.38 15.60
N ARG B 148 -3.02 -9.24 15.94
CA ARG B 148 -3.82 -8.51 14.97
C ARG B 148 -2.98 -7.55 14.11
N ILE B 149 -1.74 -7.26 14.53
CA ILE B 149 -0.89 -6.23 13.90
C ILE B 149 -0.67 -6.53 12.42
N PRO B 150 -0.26 -7.76 12.03
CA PRO B 150 -0.02 -8.03 10.60
C PRO B 150 -1.25 -7.74 9.73
N PHE B 151 -2.45 -8.01 10.28
CA PHE B 151 -3.71 -7.87 9.57
C PHE B 151 -4.03 -6.37 9.34
N GLY B 152 -3.44 -5.46 10.13
CA GLY B 152 -3.64 -4.01 9.98
C GLY B 152 -2.92 -3.40 8.77
N SER B 153 -1.89 -4.06 8.23
CA SER B 153 -1.16 -3.52 7.09
C SER B 153 -2.11 -3.38 5.91
N LEU B 154 -1.99 -2.26 5.21
CA LEU B 154 -2.78 -1.99 4.05
C LEU B 154 -2.49 -3.04 2.98
N ASN B 155 -1.24 -3.56 2.95
CA ASN B 155 -0.94 -4.58 1.95
C ASN B 155 -1.19 -6.04 2.43
N HIS B 156 -1.84 -6.28 3.57
CA HIS B 156 -1.98 -7.66 4.12
C HIS B 156 -2.78 -8.60 3.19
N ALA B 157 -3.89 -8.11 2.64
CA ALA B 157 -4.77 -8.94 1.82
C ALA B 157 -4.03 -9.49 0.61
N ALA B 158 -3.32 -8.60 -0.08
CA ALA B 158 -2.61 -9.00 -1.29
C ALA B 158 -1.46 -9.96 -0.94
N GLY B 159 -0.79 -9.75 0.20
CA GLY B 159 0.29 -10.61 0.64
C GLY B 159 -0.22 -11.97 1.08
N ALA B 160 -1.40 -11.97 1.72
CA ALA B 160 -2.07 -13.19 2.19
C ALA B 160 -2.46 -14.06 0.98
N THR B 161 -2.92 -13.42 -0.11
CA THR B 161 -3.26 -14.07 -1.34
C THR B 161 -2.02 -14.76 -1.91
N ALA B 162 -0.86 -14.09 -1.88
CA ALA B 162 0.37 -14.65 -2.38
C ALA B 162 0.81 -15.86 -1.54
N ILE B 163 0.68 -15.75 -0.21
CA ILE B 163 1.02 -16.86 0.69
C ILE B 163 0.08 -18.05 0.42
N ARG B 164 -1.22 -17.78 0.27
CA ARG B 164 -2.24 -18.81 0.10
C ARG B 164 -1.96 -19.65 -1.14
N HIS B 165 -1.60 -19.01 -2.25
CA HIS B 165 -1.54 -19.63 -3.57
C HIS B 165 -0.11 -19.67 -4.12
N ASP B 166 0.88 -19.40 -3.28
CA ASP B 166 2.31 -19.46 -3.68
C ASP B 166 2.60 -18.58 -4.91
N LEU B 167 2.34 -17.28 -4.76
CA LEU B 167 2.53 -16.32 -5.85
C LEU B 167 3.73 -15.42 -5.55
N LYS B 168 4.87 -15.68 -6.18
CA LYS B 168 6.11 -15.03 -5.82
C LYS B 168 6.39 -13.83 -6.74
N GLY B 169 5.48 -13.57 -7.67
CA GLY B 169 5.62 -12.50 -8.61
C GLY B 169 5.29 -11.15 -7.94
N PRO B 170 5.26 -10.08 -8.75
CA PRO B 170 4.88 -8.74 -8.30
C PRO B 170 3.60 -8.76 -7.44
N ASN B 171 3.68 -8.12 -6.28
CA ASN B 171 2.63 -8.07 -5.33
C ASN B 171 2.45 -6.61 -4.87
N THR B 172 1.30 -6.01 -5.20
CA THR B 172 1.08 -4.57 -5.06
C THR B 172 -0.34 -4.33 -4.50
N THR B 173 -0.47 -3.37 -3.59
CA THR B 173 -1.72 -2.81 -3.19
C THR B 173 -1.74 -1.32 -3.58
N VAL B 174 -2.88 -0.89 -4.13
CA VAL B 174 -3.11 0.54 -4.45
C VAL B 174 -4.39 1.05 -3.75
N ALA B 175 -4.40 2.32 -3.35
CA ALA B 175 -5.62 2.96 -2.78
C ALA B 175 -6.47 3.56 -3.90
N GLY B 176 -7.36 4.49 -3.56
CA GLY B 176 -8.16 5.22 -4.53
C GLY B 176 -9.67 5.03 -4.38
N GLY B 177 -10.09 4.21 -3.41
CA GLY B 177 -11.50 3.98 -3.13
C GLY B 177 -12.22 3.46 -4.37
N ARG B 178 -13.18 4.24 -4.88
CA ARG B 178 -14.09 3.74 -5.88
C ARG B 178 -13.38 3.58 -7.22
N VAL B 179 -12.31 4.35 -7.48
CA VAL B 179 -11.58 4.16 -8.74
C VAL B 179 -10.48 3.09 -8.60
N SER B 180 -10.28 2.52 -7.41
CA SER B 180 -9.08 1.69 -7.17
C SER B 180 -9.04 0.43 -8.06
N GLY B 181 -10.21 -0.17 -8.37
CA GLY B 181 -10.20 -1.34 -9.26
C GLY B 181 -9.63 -0.99 -10.60
N LEU B 182 -9.84 0.26 -11.04
CA LEU B 182 -9.39 0.65 -12.38
C LEU B 182 -7.92 1.10 -12.34
N LEU B 183 -7.53 1.70 -11.22
CA LEU B 183 -6.09 2.01 -10.97
C LEU B 183 -5.28 0.71 -10.97
N ALA B 184 -5.85 -0.31 -10.32
CA ALA B 184 -5.26 -1.66 -10.25
C ALA B 184 -5.16 -2.29 -11.66
N LEU B 185 -6.23 -2.16 -12.45
CA LEU B 185 -6.25 -2.69 -13.81
C LEU B 185 -5.21 -2.01 -14.67
N ASN B 186 -5.10 -0.67 -14.56
CA ASN B 186 -4.14 0.08 -15.35
C ASN B 186 -2.70 -0.31 -14.94
N TYR B 187 -2.47 -0.45 -13.64
CA TYR B 187 -1.14 -0.85 -13.13
C TYR B 187 -0.71 -2.20 -13.76
N ALA B 188 -1.60 -3.20 -13.70
CA ALA B 188 -1.40 -4.52 -14.24
C ALA B 188 -1.07 -4.47 -15.73
N ARG B 189 -1.88 -3.69 -16.47
CA ARG B 189 -1.68 -3.50 -17.90
C ARG B 189 -0.27 -2.98 -18.17
N ARG B 190 0.15 -1.97 -17.42
CA ARG B 190 1.44 -1.35 -17.67
C ARG B 190 2.59 -2.32 -17.35
N LEU B 191 2.51 -3.01 -16.20
CA LEU B 191 3.60 -3.94 -15.81
C LEU B 191 3.68 -5.14 -16.79
N MET B 192 2.53 -5.65 -17.23
CA MET B 192 2.46 -6.70 -18.29
C MET B 192 3.11 -6.20 -19.57
N GLY B 193 2.78 -4.98 -20.01
CA GLY B 193 3.38 -4.41 -21.22
C GLY B 193 4.89 -4.23 -21.11
N GLN B 194 5.43 -4.11 -19.89
CA GLN B 194 6.89 -3.91 -19.72
C GLN B 194 7.61 -5.22 -19.40
N GLY B 195 6.90 -6.36 -19.45
CA GLY B 195 7.50 -7.69 -19.29
C GLY B 195 7.70 -8.12 -17.85
N ARG B 196 7.00 -7.54 -16.86
CA ARG B 196 7.20 -7.83 -15.44
C ARG B 196 6.29 -8.96 -14.95
N ALA B 197 5.26 -9.29 -15.74
CA ALA B 197 4.34 -10.35 -15.45
C ALA B 197 3.71 -10.82 -16.76
N THR B 198 3.35 -12.10 -16.78
CA THR B 198 2.66 -12.71 -17.99
C THR B 198 1.15 -12.83 -17.78
N LYS B 199 0.76 -13.02 -16.51
CA LYS B 199 -0.63 -13.06 -16.06
C LYS B 199 -0.73 -12.11 -14.85
N TYR B 200 -1.96 -11.82 -14.42
CA TYR B 200 -2.23 -11.00 -13.23
C TYR B 200 -3.55 -11.43 -12.60
N LEU B 201 -3.57 -11.46 -11.27
CA LEU B 201 -4.79 -11.34 -10.48
C LEU B 201 -4.98 -9.84 -10.22
N VAL B 202 -6.11 -9.30 -10.68
CA VAL B 202 -6.45 -7.89 -10.51
C VAL B 202 -7.81 -7.80 -9.83
N GLY B 203 -7.90 -6.99 -8.77
CA GLY B 203 -9.22 -6.66 -8.25
C GLY B 203 -9.20 -5.59 -7.18
N SER B 204 -10.28 -5.56 -6.40
CA SER B 204 -10.42 -4.59 -5.32
C SER B 204 -11.41 -5.09 -4.29
N ALA B 205 -11.35 -4.52 -3.09
CA ALA B 205 -12.07 -5.07 -2.01
C ALA B 205 -12.30 -4.03 -0.91
N GLU B 206 -13.41 -4.22 -0.18
CA GLU B 206 -13.88 -3.34 0.90
C GLU B 206 -14.64 -4.18 1.94
N GLU B 207 -14.31 -4.00 3.22
CA GLU B 207 -15.05 -4.59 4.29
C GLU B 207 -16.03 -3.58 4.88
N PHE B 208 -17.19 -4.10 5.28
CA PHE B 208 -18.09 -3.36 6.12
C PHE B 208 -17.61 -3.53 7.55
N SER B 209 -17.62 -2.43 8.31
CA SER B 209 -17.33 -2.45 9.76
C SER B 209 -18.04 -1.26 10.43
N ALA B 210 -18.14 -1.30 11.76
CA ALA B 210 -18.71 -0.22 12.57
C ALA B 210 -17.88 1.07 12.42
N ALA B 211 -16.54 0.96 12.45
CA ALA B 211 -15.68 2.13 12.30
C ALA B 211 -15.90 2.81 10.95
N HIS B 212 -15.97 2.03 9.89
CA HIS B 212 -16.24 2.54 8.56
C HIS B 212 -17.61 3.25 8.54
N ALA B 213 -18.62 2.64 9.16
CA ALA B 213 -19.99 3.20 9.13
C ALA B 213 -19.97 4.57 9.82
N TRP B 214 -19.41 4.62 11.02
CA TRP B 214 -19.32 5.84 11.81
C TRP B 214 -18.46 6.93 11.16
N PHE B 215 -17.39 6.56 10.44
CA PHE B 215 -16.56 7.59 9.73
C PHE B 215 -17.37 8.17 8.56
N GLU B 216 -18.10 7.30 7.83
CA GLU B 216 -18.90 7.74 6.67
C GLU B 216 -20.03 8.70 7.12
N HIS B 217 -20.60 8.38 8.29
CA HIS B 217 -21.65 9.17 8.95
C HIS B 217 -21.11 10.56 9.33
N THR B 218 -19.95 10.56 10.01
CA THR B 218 -19.23 11.77 10.41
C THR B 218 -18.96 12.69 9.20
N ALA B 219 -18.68 12.09 8.04
CA ALA B 219 -18.33 12.81 6.80
C ALA B 219 -19.57 13.37 6.07
N THR B 220 -20.76 12.88 6.41
CA THR B 220 -21.97 13.19 5.63
C THR B 220 -22.57 14.49 6.16
N ALA B 221 -22.88 15.44 5.27
CA ALA B 221 -23.52 16.71 5.70
C ALA B 221 -24.90 16.44 6.33
N SER B 222 -25.23 17.19 7.40
CA SER B 222 -26.60 17.33 7.93
C SER B 222 -27.57 17.46 6.74
N GLY B 223 -28.59 16.59 6.72
CA GLY B 223 -29.68 16.66 5.74
C GLY B 223 -29.41 15.87 4.47
N ASP B 224 -28.18 15.38 4.28
CA ASP B 224 -27.90 14.51 3.14
C ASP B 224 -28.36 13.09 3.46
N PRO B 225 -28.56 12.21 2.46
CA PRO B 225 -29.00 10.84 2.75
C PRO B 225 -27.95 10.10 3.60
N ALA B 226 -28.42 9.26 4.52
CA ALA B 226 -27.63 8.36 5.31
C ALA B 226 -26.89 7.43 4.35
N PRO B 227 -25.60 7.17 4.56
CA PRO B 227 -24.91 6.24 3.66
C PRO B 227 -25.55 4.85 3.74
N LEU B 228 -25.75 4.21 2.59
CA LEU B 228 -26.02 2.75 2.56
C LEU B 228 -24.75 2.04 2.06
N LEU B 229 -24.09 1.31 2.97
CA LEU B 229 -22.75 0.78 2.69
C LEU B 229 -22.82 -0.71 2.35
N GLY B 230 -22.20 -1.06 1.21
CA GLY B 230 -21.91 -2.44 0.81
C GLY B 230 -20.49 -2.88 1.14
N GLU B 231 -20.17 -4.13 0.76
CA GLU B 231 -18.83 -4.70 0.94
C GLU B 231 -18.61 -5.85 -0.07
N GLY B 232 -17.37 -6.35 -0.12
CA GLY B 232 -17.01 -7.54 -0.88
C GLY B 232 -15.69 -7.37 -1.60
N CYS B 233 -15.40 -8.36 -2.45
CA CYS B 233 -14.22 -8.34 -3.32
C CYS B 233 -14.66 -8.87 -4.69
N GLY B 234 -14.17 -8.25 -5.77
CA GLY B 234 -14.15 -8.90 -7.10
C GLY B 234 -12.72 -9.02 -7.63
N LEU B 235 -12.39 -10.14 -8.28
CA LEU B 235 -11.05 -10.46 -8.86
C LEU B 235 -11.22 -10.93 -10.29
N PHE B 236 -10.23 -10.61 -11.12
CA PHE B 236 -10.11 -10.98 -12.49
C PHE B 236 -8.76 -11.68 -12.69
N LEU B 237 -8.75 -12.67 -13.58
CA LEU B 237 -7.53 -13.24 -14.10
C LEU B 237 -7.32 -12.58 -15.45
N VAL B 238 -6.12 -11.99 -15.60
CA VAL B 238 -5.75 -11.26 -16.81
C VAL B 238 -4.54 -11.93 -17.46
N GLU B 239 -4.52 -11.93 -18.79
CA GLU B 239 -3.56 -12.69 -19.57
C GLU B 239 -3.28 -11.85 -20.80
N GLN B 240 -2.20 -12.18 -21.51
CA GLN B 240 -1.94 -11.54 -22.79
C GLN B 240 -2.76 -12.33 -23.83
N ALA B 241 -3.44 -11.63 -24.75
CA ALA B 241 -4.29 -12.23 -25.79
C ALA B 241 -3.54 -13.40 -26.46
N GLU B 242 -2.39 -13.09 -27.05
CA GLU B 242 -1.68 -14.00 -27.95
C GLU B 242 -0.91 -15.08 -27.16
N ALA B 243 -1.32 -15.40 -25.93
CA ALA B 243 -0.76 -16.54 -25.18
C ALA B 243 -1.77 -17.07 -24.16
N ALA B 244 -3.01 -16.59 -24.25
CA ALA B 244 -4.00 -16.92 -23.25
C ALA B 244 -4.11 -18.45 -23.16
N GLU B 245 -4.12 -18.98 -21.92
CA GLU B 245 -4.23 -20.41 -21.65
C GLU B 245 -5.73 -20.79 -21.64
N ARG B 246 -6.60 -19.81 -21.94
CA ARG B 246 -8.03 -19.92 -21.70
C ARG B 246 -8.79 -19.07 -22.72
N PRO B 247 -10.11 -19.31 -22.87
CA PRO B 247 -10.92 -18.47 -23.75
C PRO B 247 -11.07 -17.07 -23.13
N PRO B 248 -10.66 -16.03 -23.87
CA PRO B 248 -10.89 -14.65 -23.45
C PRO B 248 -12.37 -14.26 -23.25
N LEU B 249 -12.71 -13.74 -22.06
CA LEU B 249 -14.03 -13.16 -21.83
C LEU B 249 -14.12 -11.72 -22.36
N ALA B 250 -13.05 -10.92 -22.20
CA ALA B 250 -13.05 -9.50 -22.63
C ALA B 250 -11.61 -9.02 -22.85
N ALA B 251 -11.41 -8.13 -23.83
CA ALA B 251 -10.15 -7.47 -24.02
C ALA B 251 -10.20 -6.07 -23.38
N VAL B 252 -9.13 -5.68 -22.66
CA VAL B 252 -9.01 -4.35 -22.09
C VAL B 252 -8.35 -3.46 -23.12
N LEU B 253 -9.14 -2.59 -23.77
CA LEU B 253 -8.66 -1.74 -24.88
C LEU B 253 -8.06 -0.42 -24.39
N SER B 254 -8.54 0.11 -23.26
CA SER B 254 -8.03 1.37 -22.70
C SER B 254 -8.46 1.50 -21.23
N VAL B 255 -7.60 2.12 -20.44
CA VAL B 255 -7.93 2.62 -19.11
C VAL B 255 -7.37 4.05 -19.02
N GLU B 256 -8.24 5.02 -18.75
CA GLU B 256 -7.86 6.45 -18.71
C GLU B 256 -8.35 7.03 -17.38
N THR B 257 -7.62 8.02 -16.86
CA THR B 257 -8.00 8.55 -15.54
C THR B 257 -7.70 10.06 -15.53
N ARG B 258 -8.38 10.77 -14.63
CA ARG B 258 -8.20 12.19 -14.48
C ARG B 258 -8.44 12.52 -13.02
N VAL B 259 -7.98 13.71 -12.63
CA VAL B 259 -8.36 14.29 -11.35
C VAL B 259 -9.19 15.53 -11.63
N ASP B 260 -10.38 15.57 -11.01
CA ASP B 260 -11.28 16.69 -11.07
C ASP B 260 -10.70 17.82 -10.19
N ILE B 261 -10.05 18.80 -10.79
CA ILE B 261 -9.42 19.84 -9.99
C ILE B 261 -10.30 21.09 -9.93
N ASP B 262 -11.45 21.11 -10.63
CA ASP B 262 -12.31 22.31 -10.76
C ASP B 262 -13.69 22.07 -10.14
N ASP B 263 -13.82 21.03 -9.32
CA ASP B 263 -15.10 20.62 -8.68
C ASP B 263 -16.24 20.61 -9.71
N ASP B 264 -16.01 19.91 -10.82
CA ASP B 264 -16.98 19.73 -11.88
C ASP B 264 -16.91 18.28 -12.36
N PRO B 265 -17.47 17.31 -11.60
CA PRO B 265 -17.30 15.89 -11.92
C PRO B 265 -17.80 15.49 -13.32
N GLY B 266 -18.85 16.14 -13.81
CA GLY B 266 -19.43 15.88 -15.13
C GLY B 266 -18.46 16.16 -16.26
N ALA B 267 -17.76 17.29 -16.14
CA ALA B 267 -16.78 17.70 -17.12
C ALA B 267 -15.61 16.69 -17.14
N ALA B 268 -15.20 16.24 -15.94
CA ALA B 268 -14.08 15.32 -15.76
C ALA B 268 -14.45 13.96 -16.37
N VAL B 269 -15.66 13.49 -16.06
CA VAL B 269 -16.18 12.22 -16.59
C VAL B 269 -16.21 12.28 -18.11
N THR B 270 -16.73 13.39 -18.68
CA THR B 270 -16.85 13.55 -20.14
C THR B 270 -15.48 13.50 -20.81
N ALA B 271 -14.51 14.29 -20.29
CA ALA B 271 -13.14 14.31 -20.82
C ALA B 271 -12.51 12.93 -20.68
N CYS B 272 -12.71 12.25 -19.53
CA CYS B 272 -12.09 10.96 -19.27
C CYS B 272 -12.64 9.88 -20.22
N ALA B 273 -13.97 9.81 -20.36
CA ALA B 273 -14.65 8.87 -21.29
C ALA B 273 -14.22 9.10 -22.74
N ARG B 274 -14.24 10.35 -23.21
CA ARG B 274 -13.88 10.66 -24.58
C ARG B 274 -12.45 10.17 -24.85
N ARG B 275 -11.51 10.43 -23.92
CA ARG B 275 -10.11 10.01 -24.06
C ARG B 275 -10.04 8.49 -24.15
N ALA B 276 -10.76 7.80 -23.28
CA ALA B 276 -10.77 6.38 -23.25
C ALA B 276 -11.27 5.80 -24.58
N LEU B 277 -12.32 6.36 -25.15
CA LEU B 277 -12.86 5.81 -26.40
C LEU B 277 -11.85 6.08 -27.52
N ARG B 278 -11.27 7.29 -27.55
CA ARG B 278 -10.31 7.66 -28.56
C ARG B 278 -9.12 6.68 -28.51
N ARG B 279 -8.60 6.41 -27.31
CA ARG B 279 -7.44 5.54 -27.15
C ARG B 279 -7.81 4.11 -27.57
N ALA B 280 -9.08 3.72 -27.35
CA ALA B 280 -9.59 2.39 -27.70
C ALA B 280 -9.87 2.26 -29.22
N GLY B 281 -9.83 3.37 -29.96
CA GLY B 281 -10.04 3.42 -31.43
C GLY B 281 -11.51 3.22 -31.82
N VAL B 282 -12.43 3.60 -30.93
CA VAL B 282 -13.87 3.27 -30.97
C VAL B 282 -14.68 4.56 -30.87
N ASP B 283 -15.93 4.55 -31.36
CA ASP B 283 -16.84 5.73 -31.20
C ASP B 283 -17.85 5.46 -30.08
N ALA B 284 -18.37 6.55 -29.52
CA ALA B 284 -19.35 6.50 -28.44
C ALA B 284 -20.56 5.66 -28.87
N GLY B 285 -20.86 5.69 -30.17
CA GLY B 285 -21.99 4.98 -30.81
C GLY B 285 -21.88 3.46 -30.70
N GLU B 286 -20.65 2.93 -30.64
CA GLU B 286 -20.43 1.49 -30.60
C GLU B 286 -20.64 0.92 -29.19
N VAL B 287 -20.96 1.78 -28.22
CA VAL B 287 -21.04 1.31 -26.85
C VAL B 287 -22.38 0.60 -26.65
N TRP B 288 -22.27 -0.67 -26.28
CA TRP B 288 -23.34 -1.61 -26.08
C TRP B 288 -23.82 -1.56 -24.64
N ALA B 289 -22.85 -1.39 -23.72
CA ALA B 289 -23.10 -1.37 -22.32
C ALA B 289 -22.24 -0.29 -21.65
N ALA B 290 -22.87 0.54 -20.81
CA ALA B 290 -22.15 1.56 -20.04
C ALA B 290 -22.62 1.48 -18.58
N VAL B 291 -21.69 1.22 -17.65
CA VAL B 291 -21.99 1.04 -16.25
C VAL B 291 -21.29 2.13 -15.45
N PRO B 292 -22.03 3.16 -14.99
CA PRO B 292 -21.46 4.15 -14.09
C PRO B 292 -21.44 3.56 -12.69
N CYS B 293 -20.75 4.23 -11.74
CA CYS B 293 -20.63 3.69 -10.41
C CYS B 293 -21.88 4.06 -9.59
N ALA B 294 -22.65 5.06 -10.04
CA ALA B 294 -23.96 5.39 -9.45
C ALA B 294 -23.85 5.75 -7.96
N ALA B 295 -22.84 6.55 -7.58
CA ALA B 295 -22.71 7.04 -6.21
C ALA B 295 -23.97 7.84 -5.87
N PRO B 296 -24.48 7.77 -4.60
CA PRO B 296 -25.72 8.45 -4.23
C PRO B 296 -25.48 9.92 -3.82
N THR B 297 -24.99 10.71 -4.78
CA THR B 297 -24.47 12.08 -4.58
C THR B 297 -24.92 12.94 -5.76
N ALA B 298 -24.61 14.24 -5.71
CA ALA B 298 -24.74 15.08 -6.90
C ALA B 298 -23.65 14.69 -7.91
N ALA B 299 -22.48 14.28 -7.40
CA ALA B 299 -21.38 13.78 -8.24
C ALA B 299 -21.86 12.59 -9.11
N GLY B 300 -22.45 11.56 -8.48
CA GLY B 300 -23.01 10.38 -9.18
C GLY B 300 -24.03 10.76 -10.24
N ARG B 301 -24.84 11.76 -9.93
CA ARG B 301 -25.85 12.22 -10.85
C ARG B 301 -25.17 12.87 -12.05
N ALA B 302 -24.10 13.66 -11.80
CA ALA B 302 -23.30 14.29 -12.86
C ALA B 302 -22.62 13.23 -13.75
N GLU B 303 -22.09 12.18 -13.14
CA GLU B 303 -21.47 11.06 -13.87
C GLU B 303 -22.50 10.51 -14.86
N HIS B 304 -23.71 10.21 -14.34
CA HIS B 304 -24.78 9.62 -15.16
C HIS B 304 -25.12 10.51 -16.37
N GLU B 305 -25.28 11.81 -16.12
CA GLU B 305 -25.76 12.73 -17.14
C GLU B 305 -24.68 12.92 -18.19
N ALA B 306 -23.41 12.90 -17.78
CA ALA B 306 -22.31 13.05 -18.75
C ALA B 306 -22.32 11.86 -19.71
N LEU B 307 -22.47 10.65 -19.16
CA LEU B 307 -22.46 9.46 -19.98
C LEU B 307 -23.68 9.46 -20.92
N ALA B 308 -24.86 9.82 -20.39
CA ALA B 308 -26.14 9.81 -21.16
C ALA B 308 -26.00 10.73 -22.37
N ALA B 309 -25.30 11.84 -22.18
CA ALA B 309 -25.03 12.78 -23.24
C ALA B 309 -24.06 12.21 -24.29
N LEU B 310 -23.53 10.99 -24.05
CA LEU B 310 -22.40 10.48 -24.83
C LEU B 310 -22.73 9.15 -25.51
N VAL B 311 -23.32 8.23 -24.75
CA VAL B 311 -23.54 6.86 -25.18
C VAL B 311 -25.02 6.67 -25.52
N PRO B 312 -25.34 5.73 -26.44
CA PRO B 312 -26.72 5.29 -26.67
C PRO B 312 -27.49 4.97 -25.38
N ALA B 313 -28.77 5.37 -25.30
CA ALA B 313 -29.53 5.24 -24.05
C ALA B 313 -29.76 3.74 -23.70
N ASP B 314 -29.70 2.88 -24.73
CA ASP B 314 -29.76 1.43 -24.52
C ASP B 314 -28.50 0.94 -23.79
N ALA B 315 -27.37 1.64 -24.00
CA ALA B 315 -26.10 1.29 -23.32
C ALA B 315 -26.28 1.38 -21.80
N LEU B 316 -27.08 2.37 -21.36
CA LEU B 316 -27.24 2.65 -19.92
C LEU B 316 -28.32 1.77 -19.29
N SER B 317 -29.16 1.14 -20.10
CA SER B 317 -30.25 0.31 -19.56
C SER B 317 -29.90 -1.18 -19.66
N ARG B 318 -28.77 -1.51 -20.31
CA ARG B 318 -28.35 -2.90 -20.53
C ARG B 318 -28.04 -3.61 -19.20
N VAL B 319 -27.54 -2.90 -18.18
CA VAL B 319 -27.15 -3.57 -16.92
C VAL B 319 -27.85 -2.91 -15.74
N PRO B 320 -28.37 -3.69 -14.75
CA PRO B 320 -28.99 -3.13 -13.55
C PRO B 320 -28.10 -2.15 -12.77
N SER B 321 -28.72 -1.33 -11.93
CA SER B 321 -28.04 -0.27 -11.19
C SER B 321 -27.13 -0.86 -10.10
N MET B 322 -25.95 -0.27 -9.99
CA MET B 322 -24.98 -0.64 -8.95
C MET B 322 -25.52 -0.28 -7.56
N GLU B 323 -26.48 0.68 -7.47
CA GLU B 323 -27.00 1.18 -6.18
C GLU B 323 -27.70 0.07 -5.38
N LEU B 324 -28.11 -1.01 -6.04
CA LEU B 324 -28.67 -2.18 -5.35
C LEU B 324 -27.62 -2.82 -4.43
N LEU B 325 -26.34 -2.70 -4.78
CA LEU B 325 -25.31 -3.31 -3.93
C LEU B 325 -24.99 -2.39 -2.75
N GLY B 326 -25.54 -1.17 -2.72
CA GLY B 326 -25.11 -0.10 -1.76
C GLY B 326 -23.81 0.56 -2.23
N ASP B 327 -23.21 1.41 -1.41
CA ASP B 327 -21.90 1.98 -1.82
C ASP B 327 -20.81 0.96 -1.42
N THR B 328 -20.28 0.25 -2.40
CA THR B 328 -19.35 -0.84 -2.12
C THR B 328 -17.89 -0.34 -2.00
N GLY B 329 -17.66 0.98 -1.99
CA GLY B 329 -16.32 1.57 -1.77
C GLY B 329 -15.34 1.05 -2.80
N ALA B 330 -14.24 0.44 -2.34
CA ALA B 330 -13.19 0.08 -3.27
C ALA B 330 -13.64 -1.04 -4.19
N ALA B 331 -14.60 -1.86 -3.74
CA ALA B 331 -15.10 -2.97 -4.55
C ALA B 331 -15.79 -2.49 -5.83
N SER B 332 -16.24 -1.23 -5.85
CA SER B 332 -17.16 -0.70 -6.91
C SER B 332 -16.77 -1.09 -8.33
N ALA B 333 -15.60 -0.68 -8.80
CA ALA B 333 -15.28 -0.84 -10.22
C ALA B 333 -15.12 -2.32 -10.61
N SER B 334 -14.70 -3.17 -9.67
CA SER B 334 -14.57 -4.62 -9.89
C SER B 334 -15.96 -5.28 -10.00
N PHE B 335 -16.88 -4.85 -9.13
CA PHE B 335 -18.29 -5.28 -9.26
C PHE B 335 -18.93 -4.80 -10.57
N GLN B 336 -18.54 -3.63 -11.05
CA GLN B 336 -19.02 -3.09 -12.31
C GLN B 336 -18.52 -3.90 -13.50
N ILE B 337 -17.24 -4.27 -13.50
CA ILE B 337 -16.69 -5.09 -14.58
C ILE B 337 -17.39 -6.47 -14.53
N ALA B 338 -17.64 -6.97 -13.32
CA ALA B 338 -18.21 -8.33 -13.15
C ALA B 338 -19.67 -8.34 -13.68
N ALA B 339 -20.39 -7.24 -13.45
CA ALA B 339 -21.74 -7.03 -13.94
C ALA B 339 -21.75 -7.05 -15.47
N VAL B 340 -20.85 -6.29 -16.11
CA VAL B 340 -20.69 -6.36 -17.54
C VAL B 340 -20.44 -7.82 -17.99
N LEU B 341 -19.68 -8.61 -17.22
CA LEU B 341 -19.28 -9.96 -17.68
C LEU B 341 -20.49 -10.92 -17.62
N ALA B 342 -21.29 -10.80 -16.54
CA ALA B 342 -22.51 -11.59 -16.29
C ALA B 342 -23.56 -11.31 -17.39
N ALA B 343 -23.78 -10.03 -17.72
CA ALA B 343 -24.70 -9.59 -18.78
C ALA B 343 -24.17 -9.97 -20.17
N ALA B 344 -22.84 -10.02 -20.33
CA ALA B 344 -22.21 -10.52 -21.56
C ALA B 344 -22.61 -11.99 -21.75
N GLU B 345 -22.54 -12.77 -20.65
CA GLU B 345 -22.73 -14.20 -20.67
C GLU B 345 -24.19 -14.54 -21.01
N ALA B 346 -25.15 -13.93 -20.32
CA ALA B 346 -26.60 -14.17 -20.53
C ALA B 346 -27.12 -13.42 -21.78
N ASP B 347 -26.26 -13.17 -22.78
CA ASP B 347 -26.68 -12.52 -24.03
C ASP B 347 -25.57 -12.65 -25.07
N ALA B 348 -25.74 -13.59 -26.02
CA ALA B 348 -24.75 -13.90 -27.03
C ALA B 348 -24.64 -12.78 -28.09
N ASP B 349 -25.51 -11.76 -28.01
CA ASP B 349 -25.37 -10.57 -28.87
C ASP B 349 -24.23 -9.64 -28.37
N SER B 350 -23.78 -9.84 -27.13
CA SER B 350 -22.59 -9.13 -26.57
C SER B 350 -21.32 -9.34 -27.42
N ARG B 351 -21.11 -10.57 -27.92
CA ARG B 351 -19.88 -10.96 -28.62
C ARG B 351 -19.45 -9.84 -29.57
N GLY B 352 -18.21 -9.36 -29.39
CA GLY B 352 -17.58 -8.35 -30.28
C GLY B 352 -17.98 -6.90 -29.99
N ARG B 353 -18.85 -6.66 -29.01
CA ARG B 353 -19.34 -5.28 -28.74
C ARG B 353 -18.58 -4.64 -27.55
N ILE B 354 -18.69 -3.31 -27.46
CA ILE B 354 -17.94 -2.48 -26.50
C ILE B 354 -18.75 -2.28 -25.21
N ALA B 355 -18.06 -2.47 -24.07
CA ALA B 355 -18.54 -1.99 -22.79
C ALA B 355 -17.61 -0.90 -22.25
N LEU B 356 -18.20 0.06 -21.53
CA LEU B 356 -17.52 1.16 -20.89
C LEU B 356 -17.91 1.13 -19.41
N VAL B 357 -16.89 1.11 -18.54
CA VAL B 357 -17.06 1.18 -17.09
C VAL B 357 -16.48 2.52 -16.62
N CYS B 358 -17.15 3.16 -15.65
CA CYS B 358 -16.80 4.54 -15.23
C CYS B 358 -16.96 4.62 -13.71
N ALA B 359 -15.98 5.22 -13.03
CA ALA B 359 -16.10 5.41 -11.58
C ALA B 359 -15.55 6.78 -11.17
N VAL B 360 -16.17 7.36 -10.14
CA VAL B 360 -15.78 8.62 -9.54
C VAL B 360 -15.67 8.40 -8.03
N ASP B 361 -14.66 9.01 -7.43
CA ASP B 361 -14.41 8.92 -6.02
C ASP B 361 -14.40 10.33 -5.44
N ARG B 362 -14.69 10.46 -4.14
CA ARG B 362 -14.89 11.78 -3.56
C ARG B 362 -13.53 12.44 -3.25
N ASP B 363 -12.40 11.72 -3.36
CA ASP B 363 -11.08 12.33 -3.19
C ASP B 363 -10.62 13.07 -4.48
N GLY B 364 -11.42 13.08 -5.58
CA GLY B 364 -11.15 13.86 -6.77
C GLY B 364 -11.02 13.05 -8.07
N ALA B 365 -10.83 11.74 -7.98
CA ALA B 365 -10.44 10.96 -9.15
C ALA B 365 -11.66 10.45 -9.95
N VAL B 366 -11.47 10.33 -11.26
CA VAL B 366 -12.36 9.69 -12.18
C VAL B 366 -11.51 8.71 -13.02
N ALA B 367 -12.13 7.60 -13.45
CA ALA B 367 -11.47 6.56 -14.18
C ALA B 367 -12.49 5.89 -15.10
N VAL B 368 -12.09 5.62 -16.34
CA VAL B 368 -12.95 4.95 -17.28
C VAL B 368 -12.16 3.83 -17.94
N ALA B 369 -12.80 2.66 -18.08
CA ALA B 369 -12.20 1.56 -18.83
C ALA B 369 -13.14 1.20 -19.99
N VAL B 370 -12.53 0.88 -21.12
CA VAL B 370 -13.21 0.44 -22.33
C VAL B 370 -12.76 -1.00 -22.65
N LEU B 371 -13.75 -1.90 -22.65
CA LEU B 371 -13.58 -3.33 -22.91
C LEU B 371 -14.18 -3.69 -24.28
N ARG B 372 -13.65 -4.74 -24.92
CA ARG B 372 -14.31 -5.44 -26.02
C ARG B 372 -14.69 -6.84 -25.52
N LEU B 373 -15.99 -7.14 -25.52
CA LEU B 373 -16.50 -8.44 -25.05
C LEU B 373 -16.23 -9.48 -26.15
N ILE B 374 -15.93 -10.73 -25.76
CA ILE B 374 -15.62 -11.81 -26.72
C ILE B 374 -16.50 -13.02 -26.40
N ALA C 5 2.67 -21.39 40.10
CA ALA C 5 2.85 -21.94 41.49
C ALA C 5 1.47 -22.22 42.11
N PRO C 6 0.45 -21.34 41.97
CA PRO C 6 -0.93 -21.64 42.37
C PRO C 6 -1.96 -21.72 41.22
N GLU C 7 -3.08 -20.97 41.32
CA GLU C 7 -4.07 -20.85 40.23
C GLU C 7 -3.60 -19.87 39.15
N ARG C 8 -2.48 -19.18 39.40
CA ARG C 8 -1.85 -18.34 38.39
C ARG C 8 -1.40 -19.22 37.22
N LEU C 9 -0.75 -20.36 37.51
CA LEU C 9 -0.31 -21.36 36.49
C LEU C 9 -1.44 -21.70 35.50
N SER C 10 -2.65 -21.96 36.03
CA SER C 10 -3.83 -22.37 35.21
C SER C 10 -4.25 -21.27 34.23
N ARG C 11 -4.17 -20.01 34.70
CA ARG C 11 -4.44 -18.82 33.88
C ARG C 11 -3.31 -18.60 32.87
N ILE C 12 -2.08 -18.97 33.25
CA ILE C 12 -0.89 -18.81 32.39
C ILE C 12 -0.95 -19.84 31.25
N ARG C 13 -1.17 -21.11 31.61
CA ARG C 13 -1.45 -22.22 30.66
C ARG C 13 -2.48 -21.77 29.62
N GLU C 14 -3.58 -21.18 30.10
CA GLU C 14 -4.75 -20.82 29.27
C GLU C 14 -4.38 -19.68 28.29
N ILE C 15 -3.57 -18.73 28.78
CA ILE C 15 -3.07 -17.62 27.96
C ILE C 15 -2.18 -18.20 26.85
N ILE C 16 -1.12 -18.93 27.25
CA ILE C 16 -0.18 -19.61 26.32
C ILE C 16 -0.97 -20.36 25.22
N ALA C 17 -1.75 -21.36 25.66
CA ALA C 17 -2.47 -22.26 24.78
C ALA C 17 -3.21 -21.46 23.70
N GLU C 18 -3.91 -20.39 24.11
CA GLU C 18 -4.72 -19.59 23.18
C GLU C 18 -3.82 -18.87 22.15
N ASN C 19 -2.56 -18.59 22.52
CA ASN C 19 -1.64 -17.75 21.70
C ASN C 19 -0.71 -18.62 20.82
N ILE C 20 -0.50 -19.89 21.19
CA ILE C 20 0.38 -20.81 20.42
C ILE C 20 -0.41 -22.02 19.88
N ASP C 21 -1.61 -22.31 20.41
CA ASP C 21 -2.51 -23.43 19.97
C ASP C 21 -1.92 -24.82 20.31
N VAL C 22 -2.13 -25.29 21.56
CA VAL C 22 -1.99 -26.73 22.02
C VAL C 22 -2.92 -26.94 23.23
N ASP C 23 -2.68 -27.97 24.07
CA ASP C 23 -3.36 -28.06 25.39
C ASP C 23 -2.72 -29.14 26.29
N LEU C 24 -1.39 -29.15 26.41
CA LEU C 24 -0.71 -30.06 27.37
C LEU C 24 0.67 -29.50 27.76
N ASP C 25 0.89 -29.39 29.07
CA ASP C 25 2.13 -28.86 29.68
C ASP C 25 3.34 -29.61 29.10
N GLY C 26 4.55 -29.16 29.48
CA GLY C 26 5.78 -29.74 28.96
C GLY C 26 7.00 -29.01 29.48
N PHE C 33 10.98 -27.48 22.94
CA PHE C 33 9.74 -27.57 23.70
C PHE C 33 8.77 -26.46 23.26
N ILE C 34 9.31 -25.30 22.85
CA ILE C 34 8.54 -24.04 22.65
C ILE C 34 7.57 -24.15 21.47
N ASP C 35 7.92 -24.68 20.27
CA ASP C 35 9.15 -24.61 19.49
C ASP C 35 9.14 -25.79 18.51
N GLU C 36 9.55 -26.98 18.96
CA GLU C 36 9.19 -28.27 18.38
C GLU C 36 7.84 -28.65 18.99
N LEU C 37 6.80 -27.99 18.47
CA LEU C 37 5.47 -27.77 19.07
C LEU C 37 4.95 -26.42 18.55
N GLY C 38 4.35 -26.42 17.36
CA GLY C 38 3.92 -25.21 16.63
C GLY C 38 5.06 -24.22 16.48
N ALA C 39 4.97 -23.10 17.22
CA ALA C 39 6.04 -22.11 17.43
C ALA C 39 6.24 -21.24 16.19
N ASP C 40 6.80 -20.06 16.45
CA ASP C 40 6.86 -18.90 15.57
C ASP C 40 7.15 -17.72 16.50
N SER C 41 8.14 -16.89 16.13
CA SER C 41 8.57 -15.76 16.97
C SER C 41 7.39 -14.82 17.28
N LEU C 42 6.40 -14.75 16.36
CA LEU C 42 5.15 -14.01 16.53
C LEU C 42 4.31 -14.67 17.63
N LYS C 43 4.28 -16.01 17.62
CA LYS C 43 3.62 -16.82 18.65
C LYS C 43 4.12 -16.35 20.03
N LEU C 44 5.43 -16.42 20.24
CA LEU C 44 6.06 -16.07 21.52
C LEU C 44 5.78 -14.62 21.92
N ILE C 45 5.71 -13.70 20.93
CA ILE C 45 5.39 -12.29 21.22
C ILE C 45 3.92 -12.21 21.66
N ASP C 46 3.04 -12.95 21.00
CA ASP C 46 1.61 -12.91 21.40
C ASP C 46 1.48 -13.34 22.88
N VAL C 47 2.29 -14.32 23.32
CA VAL C 47 2.21 -14.83 24.72
C VAL C 47 2.81 -13.81 25.68
N LEU C 48 3.98 -13.25 25.38
CA LEU C 48 4.55 -12.22 26.25
C LEU C 48 3.56 -11.04 26.37
N SER C 49 2.94 -10.65 25.24
CA SER C 49 1.98 -9.52 25.19
C SER C 49 0.75 -9.80 26.05
N ALA C 50 0.24 -11.04 25.98
CA ALA C 50 -0.95 -11.48 26.77
C ALA C 50 -0.64 -11.47 28.27
N LEU C 51 0.50 -12.05 28.67
CA LEU C 51 0.90 -12.04 30.09
C LEU C 51 0.96 -10.59 30.62
N GLU C 52 1.64 -9.69 29.87
CA GLU C 52 1.81 -8.30 30.28
C GLU C 52 0.44 -7.68 30.60
N MET C 53 -0.52 -7.91 29.70
CA MET C 53 -1.84 -7.32 29.84
C MET C 53 -2.59 -7.93 31.03
N GLU C 54 -2.49 -9.26 31.18
CA GLU C 54 -3.17 -10.00 32.25
C GLU C 54 -2.84 -9.37 33.60
N TYR C 55 -1.56 -9.09 33.83
CA TYR C 55 -1.05 -8.77 35.15
C TYR C 55 -0.60 -7.31 35.27
N SER C 56 -0.91 -6.47 34.27
CA SER C 56 -0.37 -5.09 34.20
C SER C 56 1.13 -5.06 34.53
N ILE C 57 1.91 -6.00 34.00
CA ILE C 57 3.36 -5.98 34.21
C ILE C 57 4.08 -5.61 32.90
N VAL C 58 5.38 -5.38 33.03
CA VAL C 58 6.26 -5.21 31.89
C VAL C 58 7.27 -6.34 31.91
N ILE C 59 7.30 -7.11 30.82
CA ILE C 59 8.32 -8.11 30.57
C ILE C 59 9.27 -7.57 29.49
N ASP C 60 10.56 -7.62 29.80
CA ASP C 60 11.60 -7.17 28.89
C ASP C 60 11.65 -8.13 27.71
N MET C 61 11.53 -7.59 26.49
CA MET C 61 11.37 -8.46 25.30
C MET C 61 12.72 -9.07 24.86
N ASN C 62 13.81 -8.71 25.55
CA ASN C 62 15.09 -9.45 25.42
C ASN C 62 15.09 -10.71 26.29
N GLU C 63 13.94 -11.07 26.88
CA GLU C 63 13.83 -12.31 27.67
C GLU C 63 12.94 -13.33 26.93
N LEU C 64 12.67 -13.05 25.63
CA LEU C 64 11.92 -13.95 24.73
C LEU C 64 12.71 -15.23 24.47
N PRO C 65 14.04 -15.17 24.22
CA PRO C 65 14.83 -16.39 24.02
C PRO C 65 14.87 -17.37 25.22
N LYS C 66 14.23 -17.04 26.35
CA LYS C 66 14.22 -17.87 27.57
C LYS C 66 12.80 -18.35 27.90
N MET C 67 11.83 -18.07 27.03
CA MET C 67 10.44 -18.40 27.31
C MET C 67 10.08 -19.66 26.52
N THR C 68 10.51 -20.81 27.04
CA THR C 68 10.57 -22.04 26.27
C THR C 68 9.42 -22.99 26.65
N ASN C 69 9.53 -23.59 27.84
CA ASN C 69 8.48 -24.50 28.33
C ASN C 69 7.34 -23.66 28.91
N VAL C 70 6.24 -24.34 29.25
CA VAL C 70 5.09 -23.75 29.94
C VAL C 70 5.52 -23.31 31.33
N GLU C 71 6.84 -23.41 31.59
CA GLU C 71 7.40 -23.43 32.93
C GLU C 71 8.55 -22.42 33.04
N ALA C 72 9.39 -22.32 31.98
CA ALA C 72 10.44 -21.28 31.94
C ALA C 72 9.81 -19.87 31.80
N THR C 73 8.61 -19.79 31.19
CA THR C 73 7.89 -18.50 31.03
C THR C 73 7.31 -18.08 32.39
N TYR C 74 6.98 -19.05 33.25
CA TYR C 74 6.49 -18.75 34.59
C TYR C 74 7.55 -17.94 35.35
N GLN C 75 8.83 -18.35 35.24
CA GLN C 75 9.93 -17.71 35.99
C GLN C 75 9.97 -16.23 35.60
N VAL C 76 10.01 -16.01 34.28
CA VAL C 76 9.97 -14.70 33.65
C VAL C 76 8.74 -13.94 34.19
N THR C 77 7.54 -14.48 33.97
CA THR C 77 6.32 -13.77 34.39
C THR C 77 6.48 -13.32 35.85
N ALA C 78 6.74 -14.29 36.73
CA ALA C 78 6.82 -14.07 38.19
C ALA C 78 7.94 -13.08 38.52
N ALA C 79 9.13 -13.28 37.95
CA ALA C 79 10.25 -12.34 38.10
C ALA C 79 9.77 -10.90 37.84
N ALA C 80 9.35 -10.63 36.60
CA ALA C 80 8.96 -9.26 36.18
C ALA C 80 7.79 -8.75 37.02
N ALA C 81 7.00 -9.66 37.60
CA ALA C 81 5.79 -9.31 38.35
C ALA C 81 6.10 -8.98 39.82
N GLY C 82 7.31 -9.32 40.30
CA GLY C 82 7.66 -9.27 41.73
C GLY C 82 6.82 -10.23 42.57
N TRP C 83 6.65 -11.47 42.07
CA TRP C 83 6.01 -12.58 42.80
C TRP C 83 7.09 -13.34 43.59
C29 DYF D . 3.95 -1.47 9.64
C26 DYF D . 7.52 -1.46 7.97
C25 DYF D . 8.32 -2.50 8.26
O13 DYF D . 11.48 -8.08 13.08
C21 DYF D . 10.19 -5.10 6.60
C17 DYF D . 12.14 -5.79 9.61
O11 DYF D . 9.35 -10.83 12.33
N22 DYF D . 10.13 -3.76 6.67
C10 DYF D . 10.16 -10.10 13.24
N19 DYF D . 11.66 -6.04 8.29
C30 DYF D . 2.60 -1.41 8.89
C31 DYF D . 1.35 -1.21 9.76
N14 DYF D . 10.02 -8.40 11.36
C28 DYF D . 5.07 -1.87 8.65
C27 DYF D . 6.32 -1.02 8.82
C23 DYF D . 9.55 -2.72 7.37
C20 DYF D . 11.68 -5.15 7.15
C16 DYF D . 11.87 -7.01 10.47
C15 DYF D . 10.38 -7.16 10.72
C12 DYF D . 10.64 -8.79 12.60
C01 DYF D . 8.03 -9.03 14.18
C02 DYF D . 9.26 -9.92 14.49
C03 DYF D . 10.02 -9.34 15.69
C04 DYF D . 8.78 -11.35 14.88
O05 DYF D . 9.91 -12.14 15.21
P06 DYF D . 10.41 -13.44 14.32
O07 DYF D . 9.95 -14.69 15.05
O08 DYF D . 11.93 -13.40 14.36
O09 DYF D . 9.71 -13.58 12.99
O18 DYF D . 12.69 -4.79 10.01
O24 DYF D . 10.29 -1.86 6.94
#